data_1XJG
#
_entry.id   1XJG
#
_cell.length_a   118.537
_cell.length_b   123.514
_cell.length_c   105.886
_cell.angle_alpha   90.00
_cell.angle_beta   102.60
_cell.angle_gamma   90.00
#
_symmetry.space_group_name_H-M   'C 1 2 1'
#
loop_
_entity.id
_entity.type
_entity.pdbx_description
1 polymer 'ribonucleotide reductase, B12-dependent'
2 non-polymer 'MAGNESIUM ION'
3 non-polymer "URIDINE-5'-DIPHOSPHATE"
4 non-polymer "2'-DEOXYADENOSINE 5'-TRIPHOSPHATE"
5 water water
#
_entity_poly.entity_id   1
_entity_poly.type   'polypeptide(L)'
_entity_poly.pdbx_seq_one_letter_code
;MKLSDLISRWIDVEPSKNAQIILRDRYFMKDLDGNYLETKWEDVARRVARVVATAELLNPSYKKNEKLDRIKEWEDIFFR
VLKARLFIPNSPTLFNAGLGVKHDLLWKPIDQMTLEDYEEIYRSRNHLHMLSACFVVPVGDSIEEIFEAVKEYALITKVG
GGVGSNFSELRPKGSFVAGTHGKASGPVSFMHVFNSAISVVKQGSRRRGALMGILNINHPDIEEFIDAKKENTGEAVLNF
FNLSVGFPMDKKEILKLYEEDGELELSHPRSTIRKKVKIRELFRKIATNAWKSGDPGLAFLGEMNKYYPLYPHRKINSTN
PCGEIGLSDYEACNLGSIDVAKFYNNGFVDLEALQELVQIAVRFLDNVIDVNVFPIDKITKAVKESRRLGLGIMGFADLL
YKLEIPYNSQEARDFAANLMAFIALHAHRTSYELGKEKGNFPLLEISRYRTEDNFVPFAMGMSNYDDEIREVMKMTKEFR
RNVALLTIAPTGSISNIADTSSGLEPNFLLAYTRFVTKEDGTKEPLLYVNQVLREKLNPEILKRIEKELIEKGSLKDIPD
VPEKIKKVFVVALDIDPMDHLLMQDAFQRYVDNNISKTINMPQSATVDDVLNVYLEALRTNVRGITVYRDGSLQTQVLTK
ALKT
;
_entity_poly.pdbx_strand_id   A,B
#
# COMPACT_ATOMS: atom_id res chain seq x y z
N MET A 1 -40.47 -35.22 10.21
CA MET A 1 -41.30 -33.98 10.38
C MET A 1 -41.08 -33.01 9.21
N LYS A 2 -42.03 -32.11 9.02
CA LYS A 2 -41.95 -31.15 7.94
C LYS A 2 -41.18 -29.95 8.40
N LEU A 3 -40.41 -29.37 7.48
CA LEU A 3 -39.67 -28.14 7.77
C LEU A 3 -40.60 -27.14 8.47
N SER A 4 -41.76 -26.92 7.85
CA SER A 4 -42.81 -26.03 8.37
C SER A 4 -43.20 -26.32 9.83
N ASP A 5 -43.21 -27.57 10.25
CA ASP A 5 -43.50 -27.86 11.65
C ASP A 5 -42.34 -27.57 12.61
N LEU A 6 -41.12 -27.75 12.11
CA LEU A 6 -39.90 -27.51 12.89
C LEU A 6 -39.67 -26.03 13.07
N ILE A 7 -39.92 -25.28 11.98
CA ILE A 7 -39.91 -23.82 11.95
C ILE A 7 -40.85 -23.27 13.04
N SER A 8 -42.01 -23.92 13.23
CA SER A 8 -43.02 -23.47 14.18
C SER A 8 -42.60 -23.74 15.61
N ARG A 9 -41.74 -24.76 15.77
CA ARG A 9 -41.11 -25.06 17.06
C ARG A 9 -39.95 -24.07 17.38
N TRP A 10 -39.39 -23.39 16.36
CA TRP A 10 -38.23 -22.48 16.63
C TRP A 10 -38.50 -20.98 16.52
N ILE A 11 -39.37 -20.62 15.58
CA ILE A 11 -39.68 -19.24 15.19
C ILE A 11 -40.01 -18.23 16.28
N ASP A 12 -40.76 -18.64 17.30
CA ASP A 12 -41.07 -17.71 18.43
C ASP A 12 -40.03 -17.82 19.60
N VAL A 13 -38.93 -18.58 19.41
CA VAL A 13 -37.81 -18.57 20.41
C VAL A 13 -36.83 -17.48 20.01
N GLU A 14 -36.62 -16.57 20.93
CA GLU A 14 -35.76 -15.45 20.72
C GLU A 14 -34.33 -15.83 21.04
N PRO A 15 -33.38 -15.07 20.45
CA PRO A 15 -31.98 -15.31 20.77
C PRO A 15 -31.79 -15.04 22.24
N SER A 16 -30.79 -15.64 22.87
CA SER A 16 -30.52 -15.36 24.28
C SER A 16 -29.92 -13.95 24.47
N LYS A 17 -29.62 -13.61 25.72
CA LYS A 17 -29.12 -12.31 26.11
C LYS A 17 -27.72 -12.11 25.58
N ASN A 18 -27.04 -13.24 25.36
CA ASN A 18 -25.67 -13.17 24.96
C ASN A 18 -25.55 -12.87 23.48
N ALA A 19 -26.38 -13.54 22.68
CA ALA A 19 -26.50 -13.22 21.28
C ALA A 19 -26.99 -11.80 21.10
N GLN A 20 -27.86 -11.34 21.98
CA GLN A 20 -28.49 -10.03 21.75
C GLN A 20 -27.45 -8.87 21.84
N ILE A 21 -26.52 -9.00 22.79
CA ILE A 21 -25.43 -8.06 22.95
C ILE A 21 -24.66 -8.06 21.65
N ILE A 22 -24.38 -9.24 21.15
CA ILE A 22 -23.70 -9.38 19.87
C ILE A 22 -24.51 -8.68 18.76
N LEU A 23 -25.82 -8.87 18.72
CA LEU A 23 -26.61 -8.29 17.64
C LEU A 23 -26.59 -6.77 17.66
N ARG A 24 -26.88 -6.19 18.81
CA ARG A 24 -26.94 -4.72 18.99
C ARG A 24 -25.62 -4.08 18.64
N ASP A 25 -24.57 -4.80 19.01
CA ASP A 25 -23.20 -4.46 18.71
C ASP A 25 -22.85 -4.19 17.27
N ARG A 26 -22.96 -5.18 16.39
CA ARG A 26 -22.45 -5.01 15.02
C ARG A 26 -23.43 -5.39 13.93
N TYR A 27 -24.64 -5.85 14.33
CA TYR A 27 -25.56 -6.50 13.42
C TYR A 27 -26.86 -5.75 13.09
N PHE A 28 -27.54 -5.21 14.11
CA PHE A 28 -28.68 -4.31 13.89
C PHE A 28 -28.25 -3.07 13.12
N MET A 29 -29.08 -2.67 12.17
CA MET A 29 -28.75 -1.51 11.37
C MET A 29 -28.95 -0.20 12.11
N LYS A 30 -28.12 0.77 11.78
CA LYS A 30 -28.16 2.04 12.45
C LYS A 30 -28.26 3.12 11.38
N ASP A 31 -29.25 4.01 11.51
CA ASP A 31 -29.41 5.12 10.55
C ASP A 31 -28.33 6.15 10.81
N LEU A 32 -28.00 6.95 9.80
CA LEU A 32 -26.78 7.80 9.86
C LEU A 32 -26.72 8.75 11.08
N ASP A 33 -27.87 8.98 11.70
CA ASP A 33 -28.00 9.74 12.97
C ASP A 33 -27.40 8.97 14.17
N GLY A 34 -26.92 7.75 13.89
CA GLY A 34 -26.43 6.78 14.89
C GLY A 34 -27.53 5.96 15.57
N ASN A 35 -28.78 6.16 15.15
CA ASN A 35 -29.98 5.57 15.77
C ASN A 35 -30.20 4.11 15.34
N TYR A 36 -31.32 3.52 15.76
CA TYR A 36 -31.62 2.10 15.52
C TYR A 36 -32.76 1.87 14.54
N LEU A 37 -32.46 1.17 13.46
CA LEU A 37 -33.47 0.80 12.48
C LEU A 37 -33.98 -0.62 12.72
N GLU A 38 -33.15 -1.40 13.41
CA GLU A 38 -33.46 -2.76 13.80
C GLU A 38 -33.24 -2.86 15.28
N THR A 39 -34.14 -3.51 15.99
CA THR A 39 -33.98 -3.62 17.45
C THR A 39 -34.03 -5.07 17.91
N LYS A 40 -34.36 -5.94 16.96
CA LYS A 40 -34.55 -7.37 17.20
C LYS A 40 -34.17 -8.17 15.96
N TRP A 41 -33.58 -9.34 16.23
CA TRP A 41 -33.15 -10.29 15.24
C TRP A 41 -34.12 -10.44 14.09
N GLU A 42 -35.39 -10.61 14.44
CA GLU A 42 -36.52 -10.65 13.51
C GLU A 42 -36.36 -9.66 12.34
N ASP A 43 -36.05 -8.40 12.66
CA ASP A 43 -35.88 -7.34 11.66
C ASP A 43 -34.78 -7.63 10.64
N VAL A 44 -33.60 -8.02 11.14
CA VAL A 44 -32.46 -8.44 10.32
C VAL A 44 -32.92 -9.55 9.39
N ALA A 45 -33.70 -10.46 9.94
CA ALA A 45 -34.20 -11.59 9.18
C ALA A 45 -35.04 -11.07 8.03
N ARG A 46 -35.97 -10.17 8.36
CA ARG A 46 -36.86 -9.50 7.39
C ARG A 46 -36.03 -8.82 6.30
N ARG A 47 -35.12 -7.93 6.70
CA ARG A 47 -34.23 -7.25 5.75
C ARG A 47 -33.60 -8.25 4.78
N VAL A 48 -32.74 -9.13 5.30
CA VAL A 48 -31.97 -10.15 4.54
C VAL A 48 -32.88 -11.01 3.65
N ALA A 49 -33.94 -11.56 4.23
CA ALA A 49 -34.88 -12.35 3.46
C ALA A 49 -35.35 -11.58 2.20
N ARG A 50 -36.16 -10.54 2.40
CA ARG A 50 -36.55 -9.60 1.33
C ARG A 50 -35.54 -9.39 0.21
N VAL A 51 -34.29 -9.11 0.59
CA VAL A 51 -33.22 -8.72 -0.36
C VAL A 51 -32.67 -9.94 -1.13
N VAL A 52 -32.83 -11.11 -0.57
CA VAL A 52 -32.16 -12.24 -1.16
C VAL A 52 -33.17 -12.87 -2.07
N ALA A 53 -34.42 -12.90 -1.58
CA ALA A 53 -35.59 -13.19 -2.40
C ALA A 53 -35.58 -12.35 -3.70
N THR A 54 -35.09 -11.12 -3.61
CA THR A 54 -35.05 -10.19 -4.72
C THR A 54 -34.40 -10.75 -6.00
N ALA A 55 -33.41 -11.61 -5.86
CA ALA A 55 -32.76 -12.26 -7.01
C ALA A 55 -33.67 -13.13 -7.91
N GLU A 56 -34.91 -13.38 -7.44
CA GLU A 56 -35.85 -14.16 -8.26
C GLU A 56 -36.28 -13.44 -9.55
N LEU A 57 -36.16 -12.12 -9.61
CA LEU A 57 -36.39 -11.40 -10.87
C LEU A 57 -35.59 -12.06 -11.99
N LEU A 58 -34.29 -12.21 -11.75
CA LEU A 58 -33.40 -12.76 -12.76
C LEU A 58 -33.77 -14.18 -13.21
N ASN A 59 -34.85 -14.74 -12.67
CA ASN A 59 -35.22 -16.12 -13.00
C ASN A 59 -35.97 -16.29 -14.35
N PRO A 60 -35.26 -16.86 -15.36
CA PRO A 60 -35.84 -17.04 -16.70
C PRO A 60 -37.11 -17.92 -16.74
N SER A 61 -37.42 -18.62 -15.67
CA SER A 61 -38.55 -19.57 -15.65
C SER A 61 -39.89 -19.02 -15.17
N TYR A 62 -40.00 -17.70 -14.95
CA TYR A 62 -41.15 -17.19 -14.17
C TYR A 62 -42.37 -16.51 -14.85
N LYS A 63 -42.25 -16.11 -16.12
CA LYS A 63 -43.31 -15.34 -16.81
C LYS A 63 -43.53 -14.00 -16.08
N LYS A 64 -44.68 -13.37 -16.31
CA LYS A 64 -45.17 -12.34 -15.38
C LYS A 64 -46.54 -12.81 -14.92
N ASN A 65 -47.25 -11.94 -14.19
CA ASN A 65 -48.43 -12.37 -13.44
C ASN A 65 -47.98 -13.15 -12.20
N GLU A 66 -47.11 -14.14 -12.46
CA GLU A 66 -46.57 -15.06 -11.46
C GLU A 66 -45.46 -14.44 -10.60
N LYS A 67 -44.62 -13.58 -11.19
CA LYS A 67 -43.40 -13.13 -10.52
C LYS A 67 -43.58 -12.56 -9.12
N LEU A 68 -44.67 -11.83 -8.88
CA LEU A 68 -44.82 -11.17 -7.57
C LEU A 68 -45.09 -12.18 -6.43
N ASP A 69 -46.34 -12.59 -6.25
CA ASP A 69 -46.63 -13.74 -5.39
C ASP A 69 -45.80 -14.89 -5.98
N ARG A 70 -44.66 -15.15 -5.35
CA ARG A 70 -43.60 -16.03 -5.88
C ARG A 70 -42.29 -15.63 -5.23
N ILE A 71 -41.93 -14.38 -5.43
CA ILE A 71 -40.93 -13.70 -4.67
C ILE A 71 -41.46 -13.52 -3.27
N LYS A 72 -42.78 -13.40 -3.14
CA LYS A 72 -43.46 -13.30 -1.82
C LYS A 72 -43.58 -14.67 -1.13
N GLU A 73 -43.18 -15.72 -1.85
CA GLU A 73 -43.15 -17.04 -1.28
C GLU A 73 -41.74 -17.21 -0.72
N TRP A 74 -40.74 -17.01 -1.57
CA TRP A 74 -39.35 -17.09 -1.15
C TRP A 74 -38.98 -16.12 -0.01
N GLU A 75 -39.47 -14.90 -0.05
CA GLU A 75 -39.20 -14.00 1.07
C GLU A 75 -39.72 -14.55 2.42
N ASP A 76 -40.88 -15.19 2.41
CA ASP A 76 -41.51 -15.75 3.61
C ASP A 76 -40.71 -16.95 4.16
N ILE A 77 -40.14 -17.73 3.23
CA ILE A 77 -39.49 -18.98 3.54
C ILE A 77 -38.12 -18.63 4.14
N PHE A 78 -37.33 -17.92 3.33
CA PHE A 78 -36.09 -17.32 3.73
C PHE A 78 -36.28 -16.67 5.07
N PHE A 79 -37.30 -15.80 5.16
CA PHE A 79 -37.69 -15.15 6.44
C PHE A 79 -37.85 -16.13 7.59
N ARG A 80 -38.84 -17.01 7.48
CA ARG A 80 -39.14 -18.04 8.47
C ARG A 80 -37.87 -18.84 8.89
N VAL A 81 -37.07 -19.21 7.91
CA VAL A 81 -35.89 -20.01 8.07
C VAL A 81 -34.77 -19.30 8.87
N LEU A 82 -34.58 -18.00 8.65
CA LEU A 82 -33.68 -17.19 9.45
C LEU A 82 -34.26 -16.67 10.79
N LYS A 83 -35.57 -16.46 10.87
CA LYS A 83 -36.12 -16.08 12.17
C LYS A 83 -35.90 -17.24 13.16
N ALA A 84 -36.11 -18.45 12.64
CA ALA A 84 -36.01 -19.69 13.41
C ALA A 84 -34.57 -19.93 13.81
N ARG A 85 -33.68 -19.32 13.02
CA ARG A 85 -32.24 -19.44 13.20
C ARG A 85 -31.88 -20.88 12.88
N LEU A 86 -32.51 -21.42 11.85
CA LEU A 86 -32.24 -22.76 11.38
C LEU A 86 -31.11 -22.78 10.35
N PHE A 87 -30.96 -21.64 9.65
CA PHE A 87 -29.92 -21.42 8.65
C PHE A 87 -29.52 -19.98 8.78
N ILE A 88 -28.21 -19.73 8.77
CA ILE A 88 -27.68 -18.37 8.81
C ILE A 88 -26.50 -18.20 7.84
N PRO A 89 -26.56 -17.17 6.98
CA PRO A 89 -25.50 -16.84 6.06
C PRO A 89 -24.30 -16.19 6.84
N ASN A 90 -23.10 -16.21 6.24
CA ASN A 90 -21.93 -15.50 6.76
C ASN A 90 -22.23 -14.03 7.07
N SER A 91 -21.67 -13.53 8.18
CA SER A 91 -21.82 -12.12 8.63
C SER A 91 -21.94 -11.08 7.52
N PRO A 92 -21.04 -11.07 6.54
CA PRO A 92 -21.24 -10.03 5.53
C PRO A 92 -22.69 -9.92 5.04
N THR A 93 -23.22 -11.02 4.56
CA THR A 93 -24.61 -11.08 4.20
C THR A 93 -25.50 -10.38 5.20
N LEU A 94 -25.16 -10.44 6.48
CA LEU A 94 -26.06 -9.88 7.50
C LEU A 94 -25.77 -8.40 7.76
N PHE A 95 -24.52 -8.00 7.74
CA PHE A 95 -24.25 -6.59 7.85
C PHE A 95 -24.88 -5.90 6.60
N ASN A 96 -24.29 -6.17 5.44
CA ASN A 96 -24.44 -5.35 4.26
C ASN A 96 -25.67 -5.55 3.38
N ALA A 97 -26.59 -6.44 3.74
CA ALA A 97 -27.69 -6.74 2.82
C ALA A 97 -28.48 -5.47 2.80
N GLY A 98 -28.84 -5.03 1.61
CA GLY A 98 -29.66 -3.84 1.43
C GLY A 98 -29.11 -2.49 1.89
N LEU A 99 -27.79 -2.35 1.98
CA LEU A 99 -27.18 -1.05 2.15
C LEU A 99 -27.37 -0.39 0.80
N GLY A 100 -27.78 0.87 0.83
CA GLY A 100 -28.09 1.61 -0.40
C GLY A 100 -29.57 1.73 -0.61
N VAL A 101 -30.34 0.76 -0.12
CA VAL A 101 -31.81 0.74 -0.32
C VAL A 101 -32.54 1.66 0.64
N LYS A 102 -33.65 2.25 0.16
CA LYS A 102 -34.54 3.12 0.95
C LYS A 102 -35.07 2.46 2.23
N HIS A 103 -34.98 3.18 3.35
CA HIS A 103 -35.32 2.64 4.67
C HIS A 103 -36.77 2.21 4.90
N ASP A 104 -37.65 2.47 3.95
CA ASP A 104 -39.04 2.04 4.13
C ASP A 104 -39.43 0.79 3.34
N LEU A 105 -38.58 0.36 2.40
CA LEU A 105 -38.81 -0.91 1.69
C LEU A 105 -38.43 -2.11 2.56
N LEU A 106 -37.22 -2.07 3.11
CA LEU A 106 -36.64 -3.18 3.85
C LEU A 106 -37.51 -3.86 4.93
N TRP A 107 -38.28 -3.09 5.70
CA TRP A 107 -39.11 -3.66 6.79
C TRP A 107 -40.63 -3.58 6.64
N LYS A 108 -41.14 -2.96 5.56
CA LYS A 108 -42.60 -2.77 5.46
C LYS A 108 -43.34 -4.10 5.36
N PRO A 109 -44.52 -4.20 5.99
CA PRO A 109 -45.16 -5.52 6.00
C PRO A 109 -45.29 -6.07 4.57
N ILE A 110 -44.92 -7.34 4.41
CA ILE A 110 -44.83 -8.05 3.12
C ILE A 110 -46.01 -7.85 2.14
N ASP A 111 -47.24 -7.78 2.66
CA ASP A 111 -48.42 -7.65 1.82
C ASP A 111 -48.74 -6.19 1.51
N GLN A 112 -47.73 -5.35 1.62
CA GLN A 112 -47.77 -4.02 1.08
C GLN A 112 -46.71 -3.95 -0.03
N MET A 113 -46.04 -5.07 -0.26
CA MET A 113 -44.95 -5.14 -1.24
C MET A 113 -45.53 -5.24 -2.63
N THR A 114 -44.94 -4.48 -3.54
CA THR A 114 -45.38 -4.44 -4.92
C THR A 114 -44.19 -4.86 -5.76
N LEU A 115 -44.47 -5.29 -6.98
CA LEU A 115 -43.43 -5.72 -7.90
C LEU A 115 -42.37 -4.65 -8.10
N GLU A 116 -42.76 -3.38 -8.10
CA GLU A 116 -41.81 -2.33 -8.41
C GLU A 116 -40.89 -2.05 -7.22
N ASP A 117 -41.40 -2.35 -6.03
CA ASP A 117 -40.61 -2.33 -4.82
C ASP A 117 -39.34 -3.20 -4.95
N TYR A 118 -39.52 -4.42 -5.46
CA TYR A 118 -38.44 -5.37 -5.55
C TYR A 118 -37.45 -5.02 -6.65
N GLU A 119 -37.90 -4.28 -7.65
CA GLU A 119 -36.97 -3.80 -8.67
C GLU A 119 -36.15 -2.66 -8.11
N GLU A 120 -36.72 -1.93 -7.17
CA GLU A 120 -36.03 -0.75 -6.63
C GLU A 120 -34.92 -1.20 -5.71
N ILE A 121 -35.23 -2.25 -4.93
CA ILE A 121 -34.26 -2.93 -4.10
C ILE A 121 -33.12 -3.40 -4.98
N TYR A 122 -33.45 -4.06 -6.07
CA TYR A 122 -32.41 -4.56 -6.97
C TYR A 122 -31.49 -3.41 -7.33
N ARG A 123 -32.06 -2.31 -7.78
CA ARG A 123 -31.23 -1.20 -8.29
C ARG A 123 -30.49 -0.36 -7.25
N SER A 124 -31.05 -0.20 -6.05
CA SER A 124 -30.41 0.65 -5.02
C SER A 124 -29.21 0.03 -4.21
N ARG A 125 -28.78 -1.15 -4.60
CA ARG A 125 -27.73 -1.81 -3.86
C ARG A 125 -26.42 -1.14 -4.23
N ASN A 126 -25.83 -0.45 -3.26
CA ASN A 126 -24.61 0.36 -3.46
C ASN A 126 -23.34 -0.46 -3.46
N HIS A 127 -22.21 0.23 -3.58
CA HIS A 127 -20.91 -0.40 -3.72
C HIS A 127 -20.36 -1.00 -2.40
N LEU A 128 -21.18 -1.01 -1.36
CA LEU A 128 -20.83 -1.69 -0.08
C LEU A 128 -21.84 -2.79 0.33
N HIS A 129 -22.62 -3.26 -0.63
CA HIS A 129 -23.61 -4.32 -0.45
C HIS A 129 -22.90 -5.64 -0.87
N MET A 130 -21.73 -5.87 -0.26
CA MET A 130 -20.86 -7.00 -0.49
C MET A 130 -21.24 -8.03 0.55
N LEU A 131 -21.78 -9.14 0.07
CA LEU A 131 -22.50 -10.07 0.89
C LEU A 131 -21.75 -11.37 1.12
N SER A 132 -20.50 -11.46 0.62
CA SER A 132 -19.59 -12.63 0.73
C SER A 132 -18.41 -12.43 1.64
N ALA A 133 -17.73 -13.50 2.05
CA ALA A 133 -16.68 -13.41 3.12
C ALA A 133 -15.28 -13.87 2.76
N CYS A 134 -15.20 -14.65 1.69
CA CYS A 134 -13.92 -15.28 1.37
C CYS A 134 -13.55 -14.78 -0.01
N PHE A 135 -12.26 -14.50 -0.20
CA PHE A 135 -11.72 -13.95 -1.44
C PHE A 135 -10.31 -14.44 -1.49
N VAL A 136 -9.79 -14.56 -2.70
CA VAL A 136 -8.36 -14.77 -2.92
C VAL A 136 -7.99 -13.84 -4.07
N VAL A 137 -6.85 -13.20 -3.96
CA VAL A 137 -6.30 -12.49 -5.08
C VAL A 137 -4.85 -12.89 -5.25
N PRO A 138 -4.38 -12.94 -6.50
CA PRO A 138 -2.98 -13.23 -6.83
C PRO A 138 -2.11 -12.04 -6.57
N VAL A 139 -0.81 -12.31 -6.51
CA VAL A 139 0.20 -11.31 -6.35
C VAL A 139 1.38 -11.63 -7.26
N GLY A 140 1.26 -11.36 -8.55
CA GLY A 140 2.38 -11.61 -9.51
C GLY A 140 3.75 -10.97 -9.22
N ASP A 141 4.74 -11.35 -10.01
CA ASP A 141 6.11 -10.97 -9.69
C ASP A 141 6.55 -9.57 -10.17
N SER A 142 5.86 -8.49 -9.79
CA SER A 142 6.10 -7.26 -10.56
C SER A 142 6.05 -5.82 -10.00
N ILE A 143 5.62 -5.57 -8.77
CA ILE A 143 5.49 -4.14 -8.28
C ILE A 143 4.17 -3.56 -8.73
N GLU A 144 3.97 -3.35 -10.04
CA GLU A 144 2.64 -2.99 -10.52
C GLU A 144 1.59 -3.92 -9.92
N GLU A 145 1.81 -5.23 -10.08
CA GLU A 145 0.94 -6.23 -9.49
C GLU A 145 0.98 -6.31 -7.94
N ILE A 146 2.17 -6.38 -7.34
CA ILE A 146 2.30 -6.36 -5.87
C ILE A 146 1.45 -5.25 -5.27
N PHE A 147 1.69 -4.03 -5.75
CA PHE A 147 0.99 -2.87 -5.22
C PHE A 147 -0.44 -2.75 -5.66
N GLU A 148 -0.82 -3.33 -6.79
CA GLU A 148 -2.23 -3.50 -7.14
C GLU A 148 -2.95 -4.46 -6.17
N ALA A 149 -2.27 -5.53 -5.76
CA ALA A 149 -2.78 -6.49 -4.74
C ALA A 149 -3.00 -5.84 -3.34
N VAL A 150 -2.02 -5.04 -2.89
CA VAL A 150 -2.19 -4.24 -1.68
C VAL A 150 -3.45 -3.39 -1.79
N LYS A 151 -3.62 -2.66 -2.91
CA LYS A 151 -4.88 -1.96 -3.16
C LYS A 151 -6.12 -2.87 -3.08
N GLU A 152 -5.98 -4.10 -3.58
CA GLU A 152 -7.09 -5.04 -3.64
C GLU A 152 -7.47 -5.53 -2.26
N TYR A 153 -6.45 -5.85 -1.44
CA TYR A 153 -6.66 -6.19 -0.04
C TYR A 153 -7.45 -5.06 0.66
N ALA A 154 -6.92 -3.85 0.62
CA ALA A 154 -7.65 -2.71 1.16
C ALA A 154 -9.10 -2.68 0.75
N LEU A 155 -9.41 -2.81 -0.53
CA LEU A 155 -10.77 -2.55 -0.95
C LEU A 155 -11.66 -3.70 -0.48
N ILE A 156 -11.15 -4.92 -0.58
CA ILE A 156 -11.92 -6.06 -0.14
C ILE A 156 -12.18 -5.90 1.36
N THR A 157 -11.15 -5.53 2.12
CA THR A 157 -11.37 -5.23 3.52
C THR A 157 -12.34 -4.06 3.80
N LYS A 158 -12.19 -2.94 3.12
CA LYS A 158 -13.20 -1.90 3.29
C LYS A 158 -14.57 -2.59 3.36
N VAL A 159 -14.89 -3.47 2.42
CA VAL A 159 -16.31 -3.92 2.33
C VAL A 159 -16.72 -5.05 3.31
N GLY A 160 -15.72 -5.64 3.99
CA GLY A 160 -15.88 -6.62 5.07
C GLY A 160 -15.54 -8.03 4.67
N GLY A 161 -14.61 -8.22 3.75
CA GLY A 161 -14.25 -9.53 3.26
C GLY A 161 -12.92 -9.94 3.84
N GLY A 162 -12.59 -11.22 3.83
CA GLY A 162 -11.24 -11.65 4.23
C GLY A 162 -10.64 -12.23 2.98
N VAL A 163 -9.34 -12.09 2.82
CA VAL A 163 -8.69 -12.38 1.55
C VAL A 163 -7.39 -13.08 1.86
N GLY A 164 -6.92 -13.92 0.94
CA GLY A 164 -5.54 -14.39 0.99
C GLY A 164 -4.84 -14.55 -0.35
N SER A 165 -3.57 -14.94 -0.27
CA SER A 165 -2.73 -15.04 -1.43
C SER A 165 -1.66 -16.08 -1.25
N ASN A 166 -1.31 -16.70 -2.36
CA ASN A 166 -0.03 -17.36 -2.42
C ASN A 166 0.96 -16.29 -2.85
N PHE A 167 2.10 -16.17 -2.15
CA PHE A 167 3.15 -15.21 -2.52
C PHE A 167 4.34 -15.83 -3.25
N SER A 168 4.23 -17.08 -3.65
CA SER A 168 5.36 -17.81 -4.18
C SER A 168 5.88 -17.24 -5.49
N GLU A 169 5.04 -16.56 -6.29
CA GLU A 169 5.54 -15.86 -7.48
C GLU A 169 6.67 -14.81 -7.11
N LEU A 170 6.57 -14.10 -6.01
CA LEU A 170 7.60 -13.12 -5.69
C LEU A 170 9.00 -13.74 -5.66
N ARG A 171 9.91 -13.31 -6.57
CA ARG A 171 11.27 -13.89 -6.58
C ARG A 171 12.01 -13.66 -5.26
N PRO A 172 12.88 -14.59 -4.89
CA PRO A 172 13.50 -14.50 -3.52
C PRO A 172 14.23 -13.21 -3.20
N LYS A 173 14.22 -12.84 -1.93
CA LYS A 173 15.21 -11.89 -1.44
C LYS A 173 16.59 -12.14 -2.10
N GLY A 174 17.24 -11.07 -2.56
CA GLY A 174 18.59 -11.15 -3.13
C GLY A 174 18.62 -11.24 -4.63
N SER A 175 17.45 -11.46 -5.26
CA SER A 175 17.38 -11.65 -6.73
C SER A 175 17.86 -10.46 -7.52
N PHE A 176 18.30 -10.72 -8.75
CA PHE A 176 18.52 -9.68 -9.75
C PHE A 176 17.17 -9.10 -10.25
N VAL A 177 17.13 -7.78 -10.38
CA VAL A 177 16.02 -7.08 -11.03
C VAL A 177 16.64 -6.10 -11.98
N ALA A 178 16.07 -6.00 -13.17
CA ALA A 178 16.27 -4.77 -13.95
C ALA A 178 15.17 -4.63 -14.98
N GLY A 179 14.20 -3.75 -14.77
CA GLY A 179 13.79 -3.26 -13.44
C GLY A 179 14.21 -1.91 -12.85
N THR A 180 15.36 -1.90 -12.18
CA THR A 180 15.67 -0.93 -11.15
C THR A 180 17.15 -1.03 -10.84
N HIS A 181 17.61 -2.27 -10.85
CA HIS A 181 18.82 -2.69 -10.18
C HIS A 181 19.02 -2.18 -8.71
N GLY A 182 18.16 -2.67 -7.81
CA GLY A 182 18.32 -2.52 -6.35
C GLY A 182 18.38 -3.84 -5.56
N LYS A 183 18.05 -4.96 -6.22
CA LYS A 183 17.82 -6.29 -5.54
C LYS A 183 16.38 -6.46 -5.02
N ALA A 184 15.80 -7.64 -5.25
CA ALA A 184 14.43 -7.97 -4.81
C ALA A 184 14.38 -8.11 -3.29
N SER A 185 13.37 -7.50 -2.69
CA SER A 185 13.23 -7.53 -1.25
C SER A 185 12.84 -8.90 -0.73
N GLY A 186 12.18 -9.71 -1.56
CA GLY A 186 11.57 -10.96 -1.13
C GLY A 186 10.10 -10.86 -0.71
N PRO A 187 9.38 -12.00 -0.71
CA PRO A 187 7.96 -12.00 -0.31
C PRO A 187 7.70 -11.70 1.19
N VAL A 188 8.54 -12.20 2.09
CA VAL A 188 8.34 -11.95 3.50
C VAL A 188 8.36 -10.45 3.74
N SER A 189 9.33 -9.72 3.17
CA SER A 189 9.29 -8.24 3.16
C SER A 189 8.00 -7.62 2.55
N PHE A 190 7.63 -8.00 1.33
CA PHE A 190 6.49 -7.35 0.69
C PHE A 190 5.22 -7.63 1.43
N MET A 191 5.20 -8.69 2.25
CA MET A 191 4.00 -8.99 2.98
C MET A 191 3.78 -7.97 4.12
N HIS A 192 4.84 -7.24 4.46
CA HIS A 192 4.74 -6.18 5.45
C HIS A 192 3.86 -5.04 4.94
N VAL A 193 3.83 -4.83 3.63
CA VAL A 193 3.06 -3.75 3.08
C VAL A 193 1.63 -4.17 3.13
N PHE A 194 1.40 -5.45 2.86
CA PHE A 194 0.07 -6.04 3.04
C PHE A 194 -0.40 -5.93 4.47
N ASN A 195 0.45 -6.31 5.42
CA ASN A 195 0.17 -6.20 6.84
C ASN A 195 -0.12 -4.76 7.30
N SER A 196 0.74 -3.86 6.89
CA SER A 196 0.57 -2.46 7.21
C SER A 196 -0.75 -1.91 6.57
N ALA A 197 -1.11 -2.33 5.37
CA ALA A 197 -2.34 -1.82 4.77
C ALA A 197 -3.56 -2.12 5.62
N ILE A 198 -3.63 -3.34 6.13
CA ILE A 198 -4.82 -3.83 6.78
C ILE A 198 -4.86 -3.28 8.19
N SER A 199 -3.68 -2.99 8.75
CA SER A 199 -3.56 -2.35 10.07
C SER A 199 -4.26 -1.00 10.10
N VAL A 200 -4.55 -0.49 8.93
CA VAL A 200 -5.03 0.85 8.78
C VAL A 200 -6.40 0.79 8.14
N VAL A 201 -6.72 -0.25 7.38
CA VAL A 201 -8.13 -0.46 7.02
C VAL A 201 -8.83 -1.45 7.97
N LYS A 202 -9.22 -0.95 9.14
CA LYS A 202 -9.94 -1.74 10.15
C LYS A 202 -11.46 -1.58 10.03
N ALA A 210 -7.95 -10.37 9.62
CA ALA A 210 -7.04 -11.48 9.41
C ALA A 210 -7.02 -11.81 7.92
N LEU A 211 -5.84 -12.25 7.46
CA LEU A 211 -5.51 -12.52 6.06
C LEU A 211 -4.78 -13.84 6.01
N MET A 212 -4.82 -14.46 4.83
CA MET A 212 -4.03 -15.69 4.61
C MET A 212 -2.79 -15.39 3.76
N GLY A 213 -1.65 -15.79 4.26
CA GLY A 213 -0.41 -15.68 3.54
C GLY A 213 0.25 -17.03 3.35
N ILE A 214 0.32 -17.48 2.10
CA ILE A 214 0.95 -18.75 1.82
C ILE A 214 2.19 -18.56 0.96
N LEU A 215 3.25 -19.29 1.31
CA LEU A 215 4.43 -19.48 0.49
C LEU A 215 4.63 -21.02 0.31
N ASN A 216 5.11 -21.45 -0.84
CA ASN A 216 5.23 -22.86 -1.12
C ASN A 216 6.51 -23.41 -0.52
N ILE A 217 6.50 -24.73 -0.34
CA ILE A 217 7.48 -25.37 0.46
C ILE A 217 8.82 -25.35 -0.26
N ASN A 218 8.75 -25.16 -1.58
CA ASN A 218 9.95 -25.25 -2.40
C ASN A 218 10.56 -23.92 -2.80
N HIS A 219 9.95 -22.81 -2.36
CA HIS A 219 10.48 -21.41 -2.47
C HIS A 219 11.82 -21.20 -1.75
N PRO A 220 12.77 -20.48 -2.38
CA PRO A 220 14.04 -20.35 -1.62
C PRO A 220 13.94 -19.63 -0.27
N ASP A 221 12.89 -18.85 -0.06
CA ASP A 221 12.82 -18.05 1.17
C ASP A 221 12.00 -18.69 2.28
N ILE A 222 11.60 -19.94 2.05
CA ILE A 222 10.62 -20.62 2.88
C ILE A 222 11.09 -20.63 4.34
N GLU A 223 12.38 -20.81 4.55
CA GLU A 223 12.84 -20.99 5.91
C GLU A 223 12.63 -19.73 6.72
N GLU A 224 12.70 -18.60 6.02
CA GLU A 224 12.55 -17.28 6.63
C GLU A 224 11.05 -16.99 6.85
N PHE A 225 10.21 -17.52 5.96
CA PHE A 225 8.75 -17.39 6.06
C PHE A 225 8.17 -18.13 7.26
N ILE A 226 8.43 -19.42 7.34
CA ILE A 226 8.21 -20.21 8.55
C ILE A 226 8.51 -19.44 9.87
N ASP A 227 9.51 -18.56 9.82
CA ASP A 227 10.02 -17.79 10.98
C ASP A 227 9.43 -16.38 11.06
N ALA A 228 8.64 -15.99 10.07
CA ALA A 228 8.22 -14.60 9.94
C ALA A 228 7.20 -14.05 10.96
N LYS A 229 7.05 -14.70 12.11
CA LYS A 229 6.32 -14.14 13.25
C LYS A 229 7.01 -14.67 14.50
N LYS A 230 8.22 -14.17 14.74
CA LYS A 230 8.99 -14.53 15.94
C LYS A 230 9.52 -13.30 16.68
N VAL A 237 5.24 -7.34 13.92
CA VAL A 237 5.82 -8.27 12.94
C VAL A 237 4.84 -8.32 11.78
N LEU A 238 4.40 -9.54 11.44
CA LEU A 238 3.34 -9.78 10.43
C LEU A 238 2.03 -10.21 11.12
N ASN A 239 1.61 -9.38 12.09
CA ASN A 239 0.59 -9.74 13.06
C ASN A 239 -0.82 -9.83 12.49
N PHE A 240 -1.08 -9.25 11.30
CA PHE A 240 -2.40 -9.51 10.66
C PHE A 240 -2.43 -10.72 9.77
N PHE A 241 -1.32 -11.44 9.66
CA PHE A 241 -1.31 -12.63 8.84
C PHE A 241 -1.52 -13.91 9.63
N ASN A 242 -2.36 -14.82 9.12
CA ASN A 242 -2.17 -16.28 9.36
C ASN A 242 -1.28 -16.77 8.22
N LEU A 243 -0.31 -17.60 8.56
CA LEU A 243 0.56 -18.09 7.56
C LEU A 243 0.45 -19.60 7.47
N SER A 244 0.32 -20.12 6.25
CA SER A 244 0.52 -21.54 5.98
C SER A 244 1.51 -21.80 4.88
N VAL A 245 2.19 -22.95 4.99
CA VAL A 245 3.17 -23.46 4.03
C VAL A 245 2.40 -24.20 2.93
N GLY A 246 2.70 -23.84 1.67
CA GLY A 246 1.93 -24.31 0.51
C GLY A 246 2.55 -25.58 -0.03
N PHE A 247 1.72 -26.60 -0.25
CA PHE A 247 2.15 -27.83 -0.96
C PHE A 247 1.37 -27.97 -2.28
N PRO A 248 1.92 -27.50 -3.40
CA PRO A 248 1.15 -27.64 -4.67
C PRO A 248 1.33 -29.05 -5.30
N MET A 249 2.46 -29.72 -5.07
CA MET A 249 2.63 -31.15 -5.46
C MET A 249 1.68 -32.11 -4.72
N ASP A 250 1.63 -33.38 -5.12
CA ASP A 250 0.77 -34.37 -4.43
C ASP A 250 1.26 -34.65 -3.00
N LYS A 251 0.29 -34.80 -2.10
CA LYS A 251 0.54 -35.25 -0.70
C LYS A 251 1.44 -36.48 -0.63
N LYS A 252 1.12 -37.48 -1.46
CA LYS A 252 1.87 -38.77 -1.51
C LYS A 252 3.31 -38.51 -1.86
N GLU A 253 3.53 -37.60 -2.80
CA GLU A 253 4.89 -37.27 -3.16
C GLU A 253 5.68 -36.78 -1.93
N ILE A 254 5.06 -35.92 -1.10
CA ILE A 254 5.73 -35.31 0.04
C ILE A 254 5.94 -36.31 1.18
N LEU A 255 4.90 -37.12 1.40
CA LEU A 255 4.98 -38.12 2.42
C LEU A 255 6.15 -39.09 2.11
N LYS A 256 6.29 -39.47 0.84
CA LYS A 256 7.37 -40.34 0.41
C LYS A 256 8.75 -39.81 0.71
N LEU A 257 9.02 -38.63 0.12
CA LEU A 257 10.24 -37.88 0.32
C LEU A 257 10.64 -37.81 1.81
N TYR A 258 9.64 -37.59 2.67
CA TYR A 258 9.82 -37.50 4.13
C TYR A 258 10.28 -38.81 4.73
N GLU A 259 9.56 -39.88 4.42
CA GLU A 259 9.80 -41.17 5.09
C GLU A 259 11.13 -41.79 4.61
N GLU A 260 11.62 -41.34 3.45
CA GLU A 260 12.98 -41.65 2.92
C GLU A 260 14.10 -40.73 3.45
N ASP A 261 13.74 -39.67 4.18
CA ASP A 261 14.71 -38.66 4.62
C ASP A 261 15.34 -37.92 3.44
N GLY A 262 14.55 -37.79 2.37
CA GLY A 262 15.00 -37.10 1.19
C GLY A 262 15.26 -35.62 1.36
N GLU A 263 15.63 -35.03 0.26
CA GLU A 263 15.99 -33.64 0.21
C GLU A 263 15.13 -32.91 -0.79
N LEU A 264 14.89 -31.63 -0.49
CA LEU A 264 14.09 -30.78 -1.35
C LEU A 264 14.89 -29.63 -1.94
N GLU A 265 14.72 -29.50 -3.25
CA GLU A 265 15.27 -28.40 -4.03
C GLU A 265 14.39 -27.17 -3.87
N LEU A 266 14.96 -26.10 -3.31
CA LEU A 266 14.29 -24.80 -3.23
C LEU A 266 14.83 -23.95 -4.34
N SER A 267 13.91 -23.44 -5.13
CA SER A 267 14.26 -22.69 -6.31
C SER A 267 13.07 -21.92 -6.78
N HIS A 268 13.32 -20.97 -7.67
CA HIS A 268 12.31 -20.07 -8.20
C HIS A 268 12.57 -19.83 -9.70
N PRO A 269 11.49 -19.75 -10.51
CA PRO A 269 11.60 -19.56 -11.95
C PRO A 269 12.52 -18.41 -12.32
N ARG A 270 12.30 -17.23 -11.71
CA ARG A 270 12.97 -15.96 -12.07
C ARG A 270 14.02 -15.58 -11.05
N SER A 271 14.85 -16.54 -10.68
CA SER A 271 16.06 -16.29 -9.93
C SER A 271 17.01 -17.48 -10.08
N THR A 272 18.24 -17.23 -9.66
CA THR A 272 19.32 -18.17 -9.74
C THR A 272 19.66 -18.70 -8.35
N ILE A 273 18.99 -18.15 -7.31
CA ILE A 273 19.06 -18.69 -5.91
C ILE A 273 18.52 -20.12 -5.90
N ARG A 274 19.36 -21.05 -5.40
CA ARG A 274 19.08 -22.48 -5.32
C ARG A 274 19.52 -22.96 -3.96
N LYS A 275 18.71 -23.80 -3.34
CA LYS A 275 19.18 -24.48 -2.13
C LYS A 275 18.62 -25.90 -2.06
N LYS A 276 19.29 -26.74 -1.28
CA LYS A 276 18.80 -28.08 -0.96
C LYS A 276 18.77 -28.24 0.53
N VAL A 277 17.63 -28.72 1.00
CA VAL A 277 17.42 -28.97 2.42
C VAL A 277 16.75 -30.29 2.61
N LYS A 278 17.12 -30.91 3.73
CA LYS A 278 16.44 -32.09 4.24
C LYS A 278 15.01 -31.65 4.55
N ILE A 279 14.05 -32.38 4.00
CA ILE A 279 12.63 -32.11 4.19
C ILE A 279 12.22 -32.35 5.64
N ARG A 280 12.88 -33.32 6.29
CA ARG A 280 12.58 -33.61 7.69
C ARG A 280 12.90 -32.39 8.53
N GLU A 281 14.00 -31.71 8.17
CA GLU A 281 14.45 -30.53 8.92
C GLU A 281 13.52 -29.34 8.70
N LEU A 282 12.99 -29.21 7.49
CA LEU A 282 12.05 -28.18 7.11
C LEU A 282 10.74 -28.37 7.89
N PHE A 283 10.29 -29.62 7.91
CA PHE A 283 9.17 -30.02 8.71
C PHE A 283 9.39 -29.79 10.17
N ARG A 284 10.58 -30.08 10.68
CA ARG A 284 10.87 -29.85 12.09
C ARG A 284 10.78 -28.34 12.43
N LYS A 285 11.32 -27.53 11.53
CA LYS A 285 11.30 -26.10 11.69
C LYS A 285 9.84 -25.58 11.78
N ILE A 286 8.97 -26.03 10.81
CA ILE A 286 7.55 -25.71 10.86
C ILE A 286 6.91 -26.21 12.14
N ALA A 287 7.10 -27.49 12.44
CA ALA A 287 6.54 -28.08 13.66
C ALA A 287 6.83 -27.31 14.92
N THR A 288 8.11 -26.93 15.10
CA THR A 288 8.58 -26.14 16.28
C THR A 288 7.87 -24.79 16.37
N ASN A 289 7.81 -24.06 15.26
CA ASN A 289 7.13 -22.77 15.28
C ASN A 289 5.65 -22.91 15.54
N ALA A 290 5.02 -23.95 14.98
CA ALA A 290 3.60 -24.16 15.26
C ALA A 290 3.45 -24.57 16.72
N TRP A 291 4.34 -25.44 17.18
CA TRP A 291 4.43 -25.83 18.58
C TRP A 291 4.49 -24.59 19.46
N LYS A 292 5.26 -23.61 19.01
CA LYS A 292 5.46 -22.37 19.77
C LYS A 292 4.30 -21.38 19.77
N SER A 293 3.57 -21.29 18.66
CA SER A 293 2.71 -20.14 18.49
C SER A 293 1.56 -20.32 17.53
N GLY A 294 1.40 -21.52 17.00
CA GLY A 294 0.28 -21.79 16.16
C GLY A 294 0.46 -21.47 14.69
N ASP A 295 1.61 -20.94 14.29
CA ASP A 295 1.87 -20.67 12.86
C ASP A 295 3.25 -21.24 12.50
N PRO A 296 3.43 -21.61 11.21
CA PRO A 296 2.45 -21.53 10.16
C PRO A 296 1.60 -22.86 10.02
N GLY A 297 0.49 -22.82 9.27
CA GLY A 297 -0.29 -24.04 9.02
C GLY A 297 0.28 -24.73 7.79
N LEU A 298 -0.28 -25.90 7.46
CA LEU A 298 -0.05 -26.54 6.15
C LEU A 298 -1.29 -26.31 5.25
N ALA A 299 -1.06 -25.92 3.98
CA ALA A 299 -2.15 -25.88 2.93
C ALA A 299 -1.78 -26.80 1.80
N PHE A 300 -2.59 -27.83 1.61
CA PHE A 300 -2.32 -28.87 0.60
C PHE A 300 -3.05 -28.46 -0.65
N LEU A 301 -2.44 -27.50 -1.31
CA LEU A 301 -2.91 -26.97 -2.57
C LEU A 301 -3.14 -28.07 -3.59
N GLY A 302 -2.19 -29.01 -3.64
CA GLY A 302 -2.22 -30.15 -4.58
C GLY A 302 -3.55 -30.86 -4.47
N GLU A 303 -3.84 -31.25 -3.25
CA GLU A 303 -5.02 -32.02 -2.92
C GLU A 303 -6.28 -31.23 -3.28
N MET A 304 -6.22 -29.91 -3.24
CA MET A 304 -7.40 -29.09 -3.47
C MET A 304 -7.71 -29.10 -4.98
N ASN A 305 -6.64 -29.04 -5.77
CA ASN A 305 -6.73 -29.13 -7.19
C ASN A 305 -7.22 -30.50 -7.63
N LYS A 306 -6.75 -31.54 -6.96
CA LYS A 306 -7.20 -32.87 -7.31
C LYS A 306 -8.70 -32.90 -7.41
N TYR A 307 -9.38 -32.12 -6.58
CA TYR A 307 -10.86 -32.15 -6.55
C TYR A 307 -11.54 -30.94 -7.17
N TYR A 308 -10.74 -30.07 -7.78
CA TYR A 308 -11.26 -28.87 -8.42
C TYR A 308 -11.84 -29.12 -9.82
N PRO A 309 -13.15 -28.93 -10.03
CA PRO A 309 -13.74 -29.13 -11.38
C PRO A 309 -12.96 -28.53 -12.55
N LEU A 310 -12.45 -27.32 -12.37
CA LEU A 310 -11.78 -26.66 -13.49
C LEU A 310 -10.27 -26.87 -13.60
N TYR A 311 -9.66 -27.69 -12.74
CA TYR A 311 -8.21 -27.89 -12.81
C TYR A 311 -7.80 -28.85 -13.96
N PRO A 312 -6.81 -28.49 -14.81
CA PRO A 312 -5.84 -27.40 -14.68
C PRO A 312 -6.16 -26.15 -15.48
N HIS A 313 -7.38 -26.04 -16.02
CA HIS A 313 -7.71 -24.81 -16.74
C HIS A 313 -7.54 -23.71 -15.75
N ARG A 314 -8.44 -23.63 -14.77
CA ARG A 314 -8.19 -22.82 -13.58
C ARG A 314 -7.40 -23.58 -12.48
N LYS A 315 -6.87 -22.81 -11.54
CA LYS A 315 -5.95 -23.33 -10.54
C LYS A 315 -6.31 -22.81 -9.13
N ILE A 316 -6.22 -23.66 -8.12
CA ILE A 316 -6.35 -23.18 -6.78
C ILE A 316 -4.95 -22.97 -6.19
N ASN A 317 -4.68 -21.73 -5.79
CA ASN A 317 -3.38 -21.36 -5.28
C ASN A 317 -3.36 -20.94 -3.84
N SER A 318 -4.52 -20.55 -3.30
CA SER A 318 -4.61 -20.03 -1.95
C SER A 318 -6.03 -20.25 -1.38
N THR A 319 -6.10 -20.21 -0.05
CA THR A 319 -7.37 -20.26 0.70
C THR A 319 -7.58 -18.87 1.16
N ASN A 320 -8.79 -18.55 1.63
CA ASN A 320 -9.09 -17.34 2.40
C ASN A 320 -8.44 -17.38 3.82
N PRO A 321 -8.65 -16.35 4.66
CA PRO A 321 -8.04 -16.37 6.03
C PRO A 321 -8.18 -17.67 6.87
N CYS A 322 -9.31 -18.34 6.85
CA CYS A 322 -9.37 -19.52 7.71
C CYS A 322 -9.28 -20.87 6.99
N GLY A 323 -8.85 -20.86 5.73
CA GLY A 323 -8.52 -22.08 5.04
C GLY A 323 -9.68 -22.86 4.43
N GLU A 324 -10.92 -22.48 4.71
CA GLU A 324 -12.04 -23.34 4.30
C GLU A 324 -12.53 -23.25 2.86
N ILE A 325 -12.10 -22.23 2.11
CA ILE A 325 -12.30 -22.23 0.67
C ILE A 325 -10.98 -22.14 -0.08
N GLY A 326 -10.62 -23.17 -0.87
CA GLY A 326 -9.55 -23.00 -1.86
C GLY A 326 -10.23 -22.23 -3.00
N LEU A 327 -9.66 -21.08 -3.35
CA LEU A 327 -10.26 -20.21 -4.37
C LEU A 327 -9.23 -19.98 -5.42
N SER A 328 -9.69 -19.87 -6.69
CA SER A 328 -8.84 -19.53 -7.81
C SER A 328 -8.67 -18.03 -7.80
N ASP A 329 -7.84 -17.49 -8.69
CA ASP A 329 -7.58 -16.04 -8.75
C ASP A 329 -8.80 -15.17 -8.93
N TYR A 330 -8.99 -14.24 -7.98
CA TYR A 330 -10.09 -13.24 -8.00
C TYR A 330 -11.42 -13.84 -7.69
N GLU A 331 -11.44 -15.14 -7.40
CA GLU A 331 -12.69 -15.80 -7.02
C GLU A 331 -13.12 -15.47 -5.57
N ALA A 332 -14.41 -15.23 -5.34
CA ALA A 332 -14.91 -15.10 -3.97
C ALA A 332 -15.94 -16.19 -3.70
N CYS A 333 -16.43 -16.28 -2.48
CA CYS A 333 -17.33 -17.34 -2.12
C CYS A 333 -18.08 -16.90 -0.92
N ASN A 334 -19.41 -16.96 -1.00
CA ASN A 334 -20.26 -16.66 0.11
C ASN A 334 -20.78 -17.96 0.79
N LEU A 335 -21.05 -17.86 2.10
CA LEU A 335 -21.26 -19.03 2.93
C LEU A 335 -22.45 -18.84 3.80
N GLY A 336 -22.90 -19.96 4.36
CA GLY A 336 -23.95 -19.94 5.41
C GLY A 336 -24.11 -21.37 5.84
N SER A 337 -24.81 -21.54 6.95
CA SER A 337 -24.66 -22.77 7.71
C SER A 337 -25.93 -23.12 8.32
N ILE A 338 -26.23 -24.41 8.35
CA ILE A 338 -27.41 -24.97 9.07
C ILE A 338 -27.02 -25.41 10.47
N ASP A 339 -27.81 -25.01 11.47
CA ASP A 339 -27.70 -25.50 12.80
C ASP A 339 -28.34 -26.86 12.93
N VAL A 340 -27.60 -27.88 12.51
CA VAL A 340 -28.00 -29.29 12.73
C VAL A 340 -28.37 -29.67 14.15
N ALA A 341 -27.90 -28.94 15.17
CA ALA A 341 -28.47 -29.14 16.54
C ALA A 341 -30.01 -29.04 16.70
N LYS A 342 -30.66 -28.21 15.89
CA LYS A 342 -32.10 -28.01 16.03
C LYS A 342 -32.90 -29.07 15.20
N PHE A 343 -32.19 -30.03 14.61
CA PHE A 343 -32.80 -31.09 13.82
C PHE A 343 -32.84 -32.38 14.62
N TYR A 344 -32.60 -32.25 15.91
CA TYR A 344 -32.65 -33.41 16.77
C TYR A 344 -34.10 -33.73 17.05
N ASN A 345 -34.52 -34.89 16.54
CA ASN A 345 -35.82 -35.46 16.80
C ASN A 345 -35.79 -36.90 17.38
N ASN A 346 -36.14 -37.00 18.68
CA ASN A 346 -36.27 -38.28 19.40
C ASN A 346 -35.18 -39.31 19.04
N GLY A 347 -33.92 -38.98 19.31
CA GLY A 347 -32.79 -39.88 19.05
C GLY A 347 -32.35 -39.97 17.60
N PHE A 348 -32.88 -39.10 16.71
CA PHE A 348 -32.47 -39.08 15.29
C PHE A 348 -32.30 -37.70 14.67
N VAL A 349 -31.43 -37.58 13.68
CA VAL A 349 -31.46 -36.37 12.86
C VAL A 349 -32.64 -36.45 11.87
N ASP A 350 -33.58 -35.51 11.97
CA ASP A 350 -34.71 -35.49 11.08
C ASP A 350 -34.33 -35.17 9.66
N LEU A 351 -34.10 -36.23 8.88
CA LEU A 351 -33.73 -36.07 7.48
C LEU A 351 -34.82 -35.42 6.60
N GLU A 352 -36.08 -35.55 6.96
CA GLU A 352 -37.11 -34.97 6.13
C GLU A 352 -37.10 -33.43 6.19
N ALA A 353 -36.72 -32.87 7.33
CA ALA A 353 -36.73 -31.42 7.46
C ALA A 353 -35.39 -30.85 7.06
N LEU A 354 -34.35 -31.67 7.16
CA LEU A 354 -33.00 -31.26 6.79
C LEU A 354 -32.88 -31.16 5.29
N GLN A 355 -33.53 -32.07 4.59
CA GLN A 355 -33.51 -32.01 3.14
C GLN A 355 -34.17 -30.72 2.62
N GLU A 356 -35.41 -30.48 3.01
CA GLU A 356 -36.08 -29.31 2.45
C GLU A 356 -35.16 -28.12 2.71
N LEU A 357 -34.65 -27.99 3.94
CA LEU A 357 -33.82 -26.83 4.28
C LEU A 357 -32.53 -26.71 3.48
N VAL A 358 -31.95 -27.83 3.05
CA VAL A 358 -30.74 -27.79 2.22
C VAL A 358 -31.14 -27.22 0.89
N GLN A 359 -32.26 -27.75 0.36
CA GLN A 359 -32.98 -27.22 -0.80
C GLN A 359 -33.12 -25.74 -0.68
N ILE A 360 -33.79 -25.30 0.36
CA ILE A 360 -33.91 -23.88 0.61
C ILE A 360 -32.55 -23.14 0.74
N ALA A 361 -31.59 -23.72 1.45
CA ALA A 361 -30.36 -22.99 1.74
C ALA A 361 -29.51 -22.78 0.51
N VAL A 362 -29.44 -23.80 -0.34
CA VAL A 362 -28.63 -23.69 -1.55
C VAL A 362 -29.24 -22.69 -2.52
N ARG A 363 -30.56 -22.53 -2.49
CA ARG A 363 -31.13 -21.55 -3.36
C ARG A 363 -30.80 -20.16 -2.81
N PHE A 364 -31.12 -19.92 -1.54
CA PHE A 364 -30.70 -18.72 -0.83
C PHE A 364 -29.31 -18.25 -1.12
N LEU A 365 -28.35 -19.16 -0.96
CA LEU A 365 -26.94 -18.84 -1.16
C LEU A 365 -26.70 -18.60 -2.60
N ASP A 366 -27.42 -19.30 -3.46
CA ASP A 366 -27.26 -19.04 -4.91
C ASP A 366 -27.78 -17.64 -5.24
N ASN A 367 -28.94 -17.31 -4.67
CA ASN A 367 -29.48 -15.95 -4.76
C ASN A 367 -28.58 -14.80 -4.31
N VAL A 368 -27.89 -14.97 -3.16
CA VAL A 368 -26.89 -14.02 -2.67
C VAL A 368 -26.02 -13.54 -3.82
N ILE A 369 -25.43 -14.44 -4.59
CA ILE A 369 -24.51 -14.05 -5.66
C ILE A 369 -25.12 -13.00 -6.63
N ASP A 370 -26.40 -13.22 -6.96
CA ASP A 370 -27.13 -12.33 -7.82
C ASP A 370 -27.30 -10.95 -7.24
N VAL A 371 -27.58 -10.83 -5.94
CA VAL A 371 -27.73 -9.50 -5.35
C VAL A 371 -26.43 -8.90 -4.78
N ASN A 372 -25.30 -9.46 -5.17
CA ASN A 372 -24.04 -9.09 -4.55
C ASN A 372 -23.31 -7.99 -5.31
N VAL A 373 -22.50 -7.18 -4.62
CA VAL A 373 -21.63 -6.23 -5.31
C VAL A 373 -20.19 -6.33 -4.81
N PHE A 374 -19.27 -6.45 -5.76
CA PHE A 374 -17.85 -6.62 -5.47
C PHE A 374 -17.05 -5.36 -5.77
N PRO A 375 -15.95 -5.14 -5.02
CA PRO A 375 -15.17 -3.92 -5.18
C PRO A 375 -14.35 -3.92 -6.48
N ILE A 376 -14.32 -5.04 -7.21
CA ILE A 376 -13.30 -5.23 -8.23
C ILE A 376 -13.85 -6.15 -9.27
N ASP A 377 -14.22 -5.70 -10.46
CA ASP A 377 -15.07 -6.60 -11.31
C ASP A 377 -14.41 -7.83 -11.96
N LYS A 378 -13.07 -7.95 -11.88
CA LYS A 378 -12.41 -9.25 -12.11
C LYS A 378 -12.98 -10.28 -11.12
N ILE A 379 -13.34 -9.81 -9.93
CA ILE A 379 -13.99 -10.65 -8.92
C ILE A 379 -15.46 -10.88 -9.26
N THR A 380 -16.15 -9.85 -9.73
CA THR A 380 -17.52 -10.07 -10.24
C THR A 380 -17.50 -11.16 -11.33
N LYS A 381 -16.58 -11.04 -12.30
CA LYS A 381 -16.45 -11.98 -13.41
C LYS A 381 -16.25 -13.42 -12.92
N ALA A 382 -15.13 -13.63 -12.23
CA ALA A 382 -14.81 -14.84 -11.50
C ALA A 382 -16.04 -15.43 -10.82
N VAL A 383 -16.75 -14.62 -10.08
CA VAL A 383 -17.87 -15.18 -9.36
C VAL A 383 -19.03 -15.65 -10.26
N LYS A 384 -19.40 -14.84 -11.26
CA LYS A 384 -20.53 -15.19 -12.14
C LYS A 384 -20.16 -16.44 -12.91
N GLU A 385 -18.86 -16.61 -13.19
CA GLU A 385 -18.39 -17.71 -14.04
C GLU A 385 -18.48 -19.09 -13.39
N SER A 386 -18.23 -19.15 -12.07
CA SER A 386 -18.20 -20.41 -11.30
C SER A 386 -19.37 -20.55 -10.33
N ARG A 387 -19.76 -19.46 -9.67
CA ARG A 387 -20.87 -19.47 -8.67
C ARG A 387 -20.68 -20.44 -7.48
N ARG A 388 -19.42 -20.77 -7.17
CA ARG A 388 -19.01 -21.52 -5.97
C ARG A 388 -19.68 -21.04 -4.69
N LEU A 389 -20.45 -21.93 -4.03
CA LEU A 389 -21.06 -21.66 -2.71
C LEU A 389 -20.35 -22.38 -1.57
N GLY A 390 -20.76 -22.03 -0.35
CA GLY A 390 -20.26 -22.64 0.90
C GLY A 390 -21.34 -22.96 1.93
N LEU A 391 -22.25 -23.85 1.58
CA LEU A 391 -23.19 -24.35 2.57
C LEU A 391 -22.41 -25.23 3.53
N GLY A 392 -22.63 -24.93 4.81
CA GLY A 392 -22.06 -25.74 5.86
C GLY A 392 -23.02 -25.97 7.01
N ILE A 393 -22.43 -26.42 8.11
CA ILE A 393 -23.17 -26.66 9.30
C ILE A 393 -22.46 -26.06 10.54
N MET A 394 -23.28 -25.82 11.57
CA MET A 394 -22.84 -25.51 12.88
C MET A 394 -23.74 -26.33 13.81
N GLY A 395 -23.41 -26.31 15.12
CA GLY A 395 -24.20 -27.00 16.14
C GLY A 395 -23.94 -28.50 16.17
N PHE A 396 -23.08 -28.98 15.29
CA PHE A 396 -22.72 -30.40 15.28
C PHE A 396 -22.25 -30.96 16.66
N ALA A 397 -21.33 -30.30 17.36
CA ALA A 397 -20.95 -30.88 18.66
C ALA A 397 -22.16 -31.03 19.61
N ASP A 398 -22.99 -29.99 19.69
CA ASP A 398 -24.18 -30.02 20.52
C ASP A 398 -25.20 -31.10 20.07
N LEU A 399 -25.34 -31.29 18.77
CA LEU A 399 -26.01 -32.44 18.22
C LEU A 399 -25.44 -33.79 18.68
N LEU A 400 -24.12 -33.93 18.68
CA LEU A 400 -23.48 -35.11 19.31
C LEU A 400 -23.91 -35.26 20.77
N TYR A 401 -23.89 -34.17 21.50
CA TYR A 401 -24.48 -34.12 22.85
C TYR A 401 -25.87 -34.67 22.93
N LYS A 402 -26.81 -34.09 22.18
CA LYS A 402 -28.19 -34.60 22.13
C LYS A 402 -28.29 -36.08 21.81
N LEU A 403 -27.43 -36.57 20.91
CA LEU A 403 -27.49 -37.97 20.47
C LEU A 403 -26.68 -38.90 21.34
N GLU A 404 -26.03 -38.35 22.36
CA GLU A 404 -25.21 -39.15 23.25
C GLU A 404 -24.09 -39.86 22.49
N ILE A 405 -23.50 -39.20 21.50
CA ILE A 405 -22.33 -39.73 20.81
C ILE A 405 -21.03 -38.98 21.26
N PRO A 406 -20.01 -39.70 21.81
CA PRO A 406 -18.77 -38.96 22.14
C PRO A 406 -18.11 -38.47 20.87
N TYR A 407 -17.57 -37.26 20.90
CA TYR A 407 -16.98 -36.65 19.70
C TYR A 407 -15.79 -37.47 19.26
N ASN A 408 -15.04 -37.90 20.27
CA ASN A 408 -13.82 -38.60 20.04
C ASN A 408 -14.04 -40.12 19.99
N SER A 409 -14.79 -40.59 19.01
CA SER A 409 -15.28 -41.99 19.10
C SER A 409 -15.13 -42.91 17.88
N GLN A 410 -15.62 -42.48 16.71
CA GLN A 410 -15.77 -43.38 15.53
C GLN A 410 -17.21 -43.49 15.11
N GLU A 411 -18.07 -43.85 16.05
CA GLU A 411 -19.45 -43.59 15.89
C GLU A 411 -19.64 -42.17 15.37
N ALA A 412 -19.09 -41.19 16.14
CA ALA A 412 -19.15 -39.76 15.78
C ALA A 412 -18.69 -39.47 14.36
N ARG A 413 -17.55 -40.03 13.95
CA ARG A 413 -16.98 -39.77 12.62
C ARG A 413 -17.83 -40.38 11.50
N ASP A 414 -18.44 -41.54 11.80
CA ASP A 414 -19.27 -42.22 10.84
C ASP A 414 -20.56 -41.46 10.66
N PHE A 415 -21.22 -41.16 11.79
CA PHE A 415 -22.34 -40.26 11.81
C PHE A 415 -22.05 -38.95 11.03
N ALA A 416 -20.99 -38.25 11.41
CA ALA A 416 -20.46 -37.09 10.67
C ALA A 416 -20.37 -37.37 9.20
N ALA A 417 -19.76 -38.49 8.81
CA ALA A 417 -19.54 -38.66 7.42
C ALA A 417 -20.89 -38.81 6.72
N ASN A 418 -21.84 -39.49 7.39
CA ASN A 418 -23.17 -39.70 6.87
C ASN A 418 -24.02 -38.43 6.75
N LEU A 419 -24.06 -37.66 7.84
CA LEU A 419 -24.71 -36.38 7.85
C LEU A 419 -24.24 -35.52 6.65
N MET A 420 -22.91 -35.33 6.59
CA MET A 420 -22.29 -34.56 5.56
C MET A 420 -22.64 -35.14 4.18
N ALA A 421 -22.70 -36.47 4.08
CA ALA A 421 -22.97 -37.14 2.81
C ALA A 421 -24.42 -36.81 2.31
N PHE A 422 -25.42 -37.05 3.14
CA PHE A 422 -26.77 -36.61 2.93
C PHE A 422 -26.83 -35.15 2.47
N ILE A 423 -26.16 -34.26 3.20
CA ILE A 423 -26.23 -32.85 2.88
C ILE A 423 -25.59 -32.64 1.53
N ALA A 424 -24.39 -33.16 1.37
CA ALA A 424 -23.74 -33.11 0.06
C ALA A 424 -24.76 -33.51 -1.06
N LEU A 425 -25.44 -34.64 -0.87
CA LEU A 425 -26.35 -35.20 -1.89
C LEU A 425 -27.41 -34.22 -2.39
N HIS A 426 -28.23 -33.78 -1.44
CA HIS A 426 -29.36 -32.89 -1.69
C HIS A 426 -28.92 -31.47 -1.99
N ALA A 427 -27.69 -31.16 -1.61
CA ALA A 427 -27.15 -29.88 -1.94
C ALA A 427 -26.88 -29.92 -3.43
N HIS A 428 -26.21 -30.96 -3.88
CA HIS A 428 -25.93 -31.03 -5.28
C HIS A 428 -27.18 -31.30 -6.16
N ARG A 429 -28.16 -31.99 -5.61
CA ARG A 429 -29.33 -32.31 -6.37
C ARG A 429 -29.96 -30.96 -6.64
N THR A 430 -29.79 -30.04 -5.70
CA THR A 430 -30.38 -28.72 -5.86
C THR A 430 -29.56 -27.91 -6.88
N SER A 431 -28.22 -27.95 -6.81
CA SER A 431 -27.44 -27.26 -7.84
C SER A 431 -27.91 -27.71 -9.22
N TYR A 432 -28.36 -28.96 -9.28
CA TYR A 432 -28.97 -29.55 -10.45
C TYR A 432 -30.31 -28.90 -10.87
N GLU A 433 -31.36 -29.02 -10.04
CA GLU A 433 -32.72 -28.45 -10.28
C GLU A 433 -32.67 -26.94 -10.60
N LEU A 434 -31.57 -26.30 -10.20
CA LEU A 434 -31.34 -24.88 -10.38
C LEU A 434 -30.63 -24.60 -11.69
N GLY A 435 -29.63 -25.41 -12.03
CA GLY A 435 -28.94 -25.27 -13.30
C GLY A 435 -29.92 -25.50 -14.46
N LYS A 436 -31.09 -26.04 -14.11
CA LYS A 436 -32.14 -26.41 -15.05
C LYS A 436 -33.07 -25.22 -15.11
N GLU A 437 -33.69 -24.91 -13.99
CA GLU A 437 -34.55 -23.76 -13.83
C GLU A 437 -33.94 -22.39 -14.17
N LYS A 438 -32.63 -22.24 -13.99
CA LYS A 438 -31.98 -20.93 -14.08
C LYS A 438 -30.81 -20.86 -15.04
N GLY A 439 -30.33 -21.98 -15.53
CA GLY A 439 -29.23 -21.96 -16.46
C GLY A 439 -27.93 -22.34 -15.79
N ASN A 440 -27.09 -23.10 -16.48
CA ASN A 440 -25.84 -23.59 -15.92
C ASN A 440 -24.85 -22.49 -15.54
N PHE A 441 -24.04 -22.71 -14.49
CA PHE A 441 -22.96 -21.76 -14.23
C PHE A 441 -22.09 -21.73 -15.50
N PRO A 442 -21.80 -20.51 -16.03
CA PRO A 442 -21.09 -20.37 -17.29
C PRO A 442 -20.09 -21.43 -17.64
N LEU A 443 -19.14 -21.70 -16.76
CA LEU A 443 -18.02 -22.54 -17.15
C LEU A 443 -18.25 -24.02 -17.02
N LEU A 444 -19.50 -24.45 -16.90
CA LEU A 444 -19.78 -25.89 -16.85
C LEU A 444 -18.97 -26.66 -17.90
N GLU A 445 -19.16 -26.32 -19.17
CA GLU A 445 -18.60 -27.10 -20.28
C GLU A 445 -17.15 -27.49 -20.06
N ILE A 446 -16.32 -26.54 -19.70
CA ILE A 446 -14.90 -26.84 -19.59
C ILE A 446 -14.53 -27.57 -18.26
N SER A 447 -15.55 -27.92 -17.45
CA SER A 447 -15.28 -28.58 -16.15
C SER A 447 -15.29 -30.08 -16.20
N ARG A 448 -14.56 -30.68 -15.26
CA ARG A 448 -14.56 -32.11 -15.02
C ARG A 448 -15.96 -32.72 -14.82
N TYR A 449 -16.96 -31.89 -14.52
CA TYR A 449 -18.34 -32.43 -14.58
C TYR A 449 -18.72 -32.81 -16.01
N ARG A 450 -18.21 -32.08 -17.00
CA ARG A 450 -18.50 -32.35 -18.43
C ARG A 450 -17.52 -33.31 -19.09
N THR A 451 -16.26 -32.94 -19.15
CA THR A 451 -15.30 -33.70 -19.93
C THR A 451 -14.66 -34.88 -19.20
N GLU A 452 -15.20 -35.29 -18.05
CA GLU A 452 -14.47 -36.30 -17.24
C GLU A 452 -14.97 -37.73 -17.24
N ASP A 453 -16.09 -37.98 -16.57
CA ASP A 453 -16.74 -39.31 -16.50
C ASP A 453 -17.15 -39.71 -15.11
N ASN A 454 -16.18 -40.06 -14.27
CA ASN A 454 -16.54 -40.41 -12.91
C ASN A 454 -16.04 -39.40 -11.90
N PHE A 455 -16.24 -38.12 -12.26
CA PHE A 455 -15.72 -37.05 -11.47
C PHE A 455 -16.58 -36.76 -10.24
N VAL A 456 -15.90 -36.86 -9.10
CA VAL A 456 -16.48 -36.55 -7.81
C VAL A 456 -15.59 -35.50 -7.14
N PRO A 457 -16.21 -34.38 -6.73
CA PRO A 457 -15.49 -33.28 -6.04
C PRO A 457 -15.09 -33.53 -4.57
N PHE A 458 -15.04 -34.80 -4.13
CA PHE A 458 -14.47 -35.14 -2.81
C PHE A 458 -14.13 -36.61 -2.72
N ALA A 459 -13.51 -37.05 -1.63
CA ALA A 459 -12.97 -38.41 -1.58
C ALA A 459 -14.00 -39.49 -1.32
N MET A 460 -15.04 -39.22 -0.55
CA MET A 460 -15.99 -40.25 -0.13
C MET A 460 -15.33 -41.44 0.61
N GLY A 461 -16.01 -42.59 0.58
CA GLY A 461 -15.49 -43.84 1.13
C GLY A 461 -15.87 -44.02 2.59
N MET A 462 -16.90 -43.31 3.03
CA MET A 462 -17.31 -43.47 4.41
C MET A 462 -18.79 -43.36 4.57
N SER A 463 -19.55 -43.65 3.51
CA SER A 463 -20.99 -43.56 3.63
C SER A 463 -21.78 -44.44 2.66
N ASN A 464 -22.99 -44.82 3.07
CA ASN A 464 -23.90 -45.58 2.21
C ASN A 464 -24.35 -44.77 1.01
N TYR A 465 -24.39 -43.46 1.18
CA TYR A 465 -24.96 -42.55 0.20
C TYR A 465 -24.06 -42.44 -1.03
N ASP A 466 -22.83 -42.98 -0.94
CA ASP A 466 -21.83 -42.91 -2.01
C ASP A 466 -22.36 -43.15 -3.39
N ASP A 467 -23.12 -44.23 -3.58
CA ASP A 467 -23.61 -44.56 -4.94
C ASP A 467 -24.61 -43.56 -5.46
N GLU A 468 -25.57 -43.17 -4.64
CA GLU A 468 -26.48 -42.07 -5.06
C GLU A 468 -25.72 -40.77 -5.37
N ILE A 469 -24.60 -40.55 -4.68
CA ILE A 469 -23.84 -39.36 -4.93
C ILE A 469 -23.22 -39.39 -6.33
N ARG A 470 -22.58 -40.52 -6.68
CA ARG A 470 -22.02 -40.73 -8.02
C ARG A 470 -23.05 -40.41 -9.12
N GLU A 471 -24.21 -41.02 -9.02
CA GLU A 471 -25.36 -40.59 -9.81
C GLU A 471 -25.71 -39.21 -9.24
N VAL A 472 -26.03 -38.26 -10.08
CA VAL A 472 -26.16 -36.89 -9.59
C VAL A 472 -24.94 -36.16 -10.09
N MET A 473 -23.77 -36.62 -9.72
CA MET A 473 -22.55 -36.12 -10.37
C MET A 473 -22.55 -36.54 -11.86
N LYS A 474 -23.34 -37.58 -12.16
CA LYS A 474 -23.61 -37.98 -13.53
C LYS A 474 -24.68 -37.06 -14.15
N MET A 475 -25.87 -36.99 -13.54
CA MET A 475 -26.95 -36.05 -13.90
C MET A 475 -26.45 -34.61 -13.89
N THR A 476 -25.21 -34.44 -13.48
CA THR A 476 -24.59 -33.12 -13.35
C THR A 476 -23.69 -32.77 -14.55
N LYS A 477 -23.34 -33.76 -15.38
CA LYS A 477 -22.76 -33.49 -16.70
C LYS A 477 -23.65 -32.60 -17.58
N GLU A 478 -24.92 -32.38 -17.22
CA GLU A 478 -25.73 -31.44 -18.02
C GLU A 478 -26.36 -30.26 -17.32
N PHE A 479 -26.75 -30.43 -16.07
CA PHE A 479 -27.38 -29.35 -15.34
C PHE A 479 -26.70 -29.14 -13.99
N ARG A 480 -26.25 -27.89 -13.76
CA ARG A 480 -25.38 -27.51 -12.63
C ARG A 480 -25.18 -26.01 -12.48
N ARG A 481 -25.88 -25.43 -11.51
CA ARG A 481 -25.62 -24.06 -11.16
C ARG A 481 -24.23 -23.78 -10.56
N ASN A 482 -23.60 -24.73 -9.83
CA ASN A 482 -22.41 -24.35 -9.07
C ASN A 482 -21.18 -25.25 -9.19
N VAL A 483 -20.04 -24.67 -9.54
CA VAL A 483 -18.80 -25.41 -9.47
C VAL A 483 -18.63 -26.26 -8.17
N ALA A 484 -19.01 -25.68 -7.01
CA ALA A 484 -18.97 -26.37 -5.72
C ALA A 484 -20.03 -25.83 -4.79
N LEU A 485 -20.31 -26.51 -3.66
CA LEU A 485 -21.48 -26.12 -2.86
C LEU A 485 -21.30 -26.09 -1.34
N LEU A 486 -20.27 -26.80 -0.86
CA LEU A 486 -20.18 -27.09 0.58
C LEU A 486 -18.90 -26.60 1.21
N THR A 487 -18.94 -26.34 2.51
CA THR A 487 -17.69 -26.08 3.24
C THR A 487 -18.00 -26.31 4.70
N ILE A 488 -17.02 -26.19 5.57
CA ILE A 488 -17.39 -25.99 6.98
C ILE A 488 -16.61 -24.80 7.49
N ALA A 489 -17.36 -23.72 7.73
CA ALA A 489 -16.79 -22.44 8.23
C ALA A 489 -16.52 -22.50 9.74
N PRO A 490 -15.69 -21.60 10.31
CA PRO A 490 -15.57 -21.62 11.79
C PRO A 490 -16.87 -21.15 12.50
N THR A 491 -17.70 -20.39 11.80
CA THR A 491 -18.89 -19.79 12.36
C THR A 491 -18.69 -19.08 13.73
N GLY A 492 -17.51 -18.49 13.92
CA GLY A 492 -17.24 -17.70 15.10
C GLY A 492 -18.38 -16.80 15.54
N SER A 493 -19.02 -16.04 14.64
CA SER A 493 -20.15 -15.18 15.10
C SER A 493 -21.56 -15.75 14.99
N ILE A 494 -21.84 -16.40 13.87
CA ILE A 494 -23.22 -16.81 13.57
C ILE A 494 -23.66 -17.98 14.43
N SER A 495 -22.68 -18.77 14.92
CA SER A 495 -23.00 -19.82 15.87
C SER A 495 -23.34 -19.15 17.20
N ASN A 496 -22.76 -17.99 17.45
CA ASN A 496 -23.17 -17.22 18.61
C ASN A 496 -24.61 -16.77 18.48
N ILE A 497 -24.91 -16.01 17.43
CA ILE A 497 -26.26 -15.65 17.08
C ILE A 497 -27.21 -16.82 17.19
N ALA A 498 -26.79 -17.99 16.68
CA ALA A 498 -27.67 -19.19 16.74
C ALA A 498 -27.78 -19.91 18.06
N ASP A 499 -27.04 -19.48 19.08
CA ASP A 499 -26.94 -20.19 20.36
C ASP A 499 -26.59 -21.67 20.15
N THR A 500 -25.49 -21.92 19.47
CA THR A 500 -25.11 -23.30 19.18
C THR A 500 -23.60 -23.45 19.03
N SER A 501 -23.08 -24.67 19.08
CA SER A 501 -21.61 -24.87 19.01
C SER A 501 -21.16 -24.45 17.61
N SER A 502 -19.85 -24.24 17.41
CA SER A 502 -19.35 -23.64 16.16
C SER A 502 -18.92 -24.66 15.13
N GLY A 503 -19.40 -24.46 13.87
CA GLY A 503 -19.01 -25.30 12.76
C GLY A 503 -18.99 -26.76 13.18
N LEU A 504 -17.88 -27.45 12.95
CA LEU A 504 -17.81 -28.87 13.31
C LEU A 504 -16.97 -29.03 14.57
N GLU A 505 -16.59 -27.92 15.20
CA GLU A 505 -15.72 -27.98 16.36
C GLU A 505 -16.43 -28.56 17.58
N PRO A 506 -15.70 -29.28 18.44
CA PRO A 506 -16.23 -29.56 19.77
C PRO A 506 -16.29 -28.29 20.61
N ASN A 507 -17.15 -28.27 21.62
CA ASN A 507 -17.18 -27.11 22.48
C ASN A 507 -15.82 -26.93 23.20
N PHE A 508 -15.36 -25.69 23.25
CA PHE A 508 -14.10 -25.51 23.91
C PHE A 508 -14.29 -25.71 25.39
N LEU A 509 -15.33 -25.12 25.93
CA LEU A 509 -15.71 -25.32 27.32
C LEU A 509 -17.20 -25.69 27.44
N LEU A 510 -17.61 -26.31 28.55
CA LEU A 510 -19.04 -26.58 28.84
C LEU A 510 -19.62 -25.46 29.67
N ALA A 511 -18.78 -24.84 30.50
CA ALA A 511 -19.17 -23.71 31.33
C ALA A 511 -18.08 -22.65 31.45
N TYR A 512 -18.52 -21.40 31.34
CA TYR A 512 -17.68 -20.24 31.61
C TYR A 512 -18.46 -19.05 32.16
N THR A 513 -17.73 -17.98 32.47
CA THR A 513 -18.37 -16.81 33.03
C THR A 513 -18.33 -15.63 32.07
N ARG A 514 -19.50 -15.31 31.51
CA ARG A 514 -19.72 -14.06 30.81
C ARG A 514 -19.85 -13.00 31.89
N PHE A 515 -19.38 -11.77 31.60
CA PHE A 515 -19.62 -10.60 32.47
C PHE A 515 -20.58 -9.61 31.77
N VAL A 516 -21.65 -9.22 32.49
CA VAL A 516 -22.85 -8.50 31.96
C VAL A 516 -22.65 -7.16 31.22
N THR A 517 -21.75 -6.31 31.72
CA THR A 517 -21.60 -4.89 31.30
C THR A 517 -22.95 -4.14 31.18
N LYS A 523 -20.61 -5.05 35.27
CA LYS A 523 -19.87 -6.31 35.12
C LYS A 523 -20.16 -7.27 36.28
N GLU A 524 -20.74 -8.41 35.95
CA GLU A 524 -21.36 -9.29 36.94
C GLU A 524 -21.19 -10.76 36.53
N PRO A 525 -20.94 -11.67 37.50
CA PRO A 525 -20.98 -13.13 37.27
C PRO A 525 -22.31 -13.70 36.70
N LEU A 526 -22.39 -13.79 35.37
CA LEU A 526 -23.36 -14.63 34.69
C LEU A 526 -22.66 -15.94 34.31
N LEU A 527 -22.99 -17.00 35.06
CA LEU A 527 -22.32 -18.30 34.96
C LEU A 527 -22.97 -19.22 33.94
N TYR A 528 -22.40 -19.31 32.74
CA TYR A 528 -23.02 -20.05 31.64
C TYR A 528 -22.66 -21.50 31.61
N VAL A 529 -23.69 -22.33 31.50
CA VAL A 529 -23.53 -23.75 31.30
C VAL A 529 -24.13 -24.08 29.96
N ASN A 530 -23.50 -25.04 29.27
CA ASN A 530 -24.03 -25.55 28.02
C ASN A 530 -25.48 -26.02 28.17
N GLN A 531 -26.36 -25.57 27.28
CA GLN A 531 -27.78 -25.89 27.38
C GLN A 531 -28.06 -27.38 27.49
N VAL A 532 -27.46 -28.17 26.61
CA VAL A 532 -27.68 -29.63 26.61
C VAL A 532 -27.17 -30.30 27.91
N LEU A 533 -26.03 -29.86 28.44
CA LEU A 533 -25.57 -30.35 29.75
C LEU A 533 -26.69 -30.09 30.78
N ARG A 534 -27.17 -28.85 30.85
CA ARG A 534 -28.36 -28.54 31.65
C ARG A 534 -29.51 -29.53 31.42
N GLU A 535 -29.87 -29.77 30.15
CA GLU A 535 -31.08 -30.53 29.78
C GLU A 535 -31.00 -32.01 30.05
N LYS A 536 -29.91 -32.45 30.68
CA LYS A 536 -29.58 -33.88 30.75
C LYS A 536 -28.98 -34.32 32.10
N LEU A 537 -27.91 -33.66 32.53
CA LEU A 537 -27.27 -33.92 33.82
C LEU A 537 -28.16 -33.39 34.92
N ASN A 538 -28.19 -34.10 36.05
CA ASN A 538 -28.96 -33.74 37.24
C ASN A 538 -28.62 -32.35 37.84
N PRO A 539 -29.63 -31.48 38.06
CA PRO A 539 -29.46 -30.08 38.55
C PRO A 539 -28.70 -29.92 39.87
N GLU A 540 -28.89 -30.89 40.77
CA GLU A 540 -28.22 -30.87 42.07
C GLU A 540 -26.72 -31.08 41.85
N ILE A 541 -26.36 -32.23 41.23
CA ILE A 541 -24.99 -32.54 40.75
C ILE A 541 -24.28 -31.31 40.16
N LEU A 542 -24.92 -30.72 39.16
CA LEU A 542 -24.42 -29.56 38.48
C LEU A 542 -23.90 -28.49 39.43
N LYS A 543 -24.71 -28.14 40.45
CA LYS A 543 -24.45 -27.03 41.35
C LYS A 543 -23.23 -27.30 42.23
N ARG A 544 -23.13 -28.54 42.68
CA ARG A 544 -21.95 -29.05 43.36
C ARG A 544 -20.75 -28.79 42.46
N ILE A 545 -20.68 -29.53 41.33
CA ILE A 545 -19.51 -29.48 40.45
C ILE A 545 -19.21 -28.14 39.76
N GLU A 546 -20.24 -27.32 39.47
CA GLU A 546 -20.04 -26.07 38.73
C GLU A 546 -18.66 -25.41 38.88
N LYS A 547 -18.36 -24.92 40.09
CA LYS A 547 -17.09 -24.19 40.37
C LYS A 547 -15.84 -24.95 39.92
N GLU A 548 -15.82 -26.25 40.20
CA GLU A 548 -14.72 -27.13 39.82
C GLU A 548 -14.61 -27.29 38.29
N LEU A 549 -15.76 -27.44 37.62
CA LEU A 549 -15.83 -27.49 36.15
C LEU A 549 -15.22 -26.26 35.49
N ILE A 550 -15.52 -25.10 36.05
CA ILE A 550 -14.97 -23.83 35.59
C ILE A 550 -13.49 -23.65 35.96
N GLU A 551 -13.01 -24.36 36.97
CA GLU A 551 -11.57 -24.23 37.35
C GLU A 551 -10.72 -25.17 36.46
N LYS A 552 -11.26 -26.36 36.19
CA LYS A 552 -10.56 -27.36 35.39
C LYS A 552 -10.88 -27.35 33.88
N GLY A 553 -11.98 -26.69 33.49
CA GLY A 553 -12.43 -26.63 32.11
C GLY A 553 -12.79 -27.96 31.46
N SER A 554 -12.94 -29.00 32.25
CA SER A 554 -13.30 -30.32 31.74
C SER A 554 -14.11 -31.00 32.81
N LEU A 555 -14.79 -32.08 32.44
CA LEU A 555 -15.49 -32.90 33.38
C LEU A 555 -14.60 -34.04 33.90
N LYS A 556 -13.59 -34.44 33.14
CA LYS A 556 -13.10 -35.82 33.29
C LYS A 556 -12.55 -36.24 34.65
N ASP A 557 -12.08 -35.29 35.44
CA ASP A 557 -11.42 -35.66 36.69
C ASP A 557 -12.28 -35.28 37.86
N ILE A 558 -13.59 -35.22 37.63
CA ILE A 558 -14.48 -34.73 38.65
C ILE A 558 -15.22 -35.90 39.33
N PRO A 559 -15.09 -36.02 40.66
CA PRO A 559 -15.79 -37.10 41.36
C PRO A 559 -17.31 -36.94 41.28
N ASP A 560 -18.02 -38.06 41.17
CA ASP A 560 -19.49 -38.14 41.33
C ASP A 560 -20.32 -37.71 40.10
N VAL A 561 -19.63 -37.38 39.00
CA VAL A 561 -20.26 -37.18 37.69
C VAL A 561 -20.23 -38.53 37.02
N PRO A 562 -21.40 -39.01 36.57
CA PRO A 562 -21.44 -40.34 35.97
C PRO A 562 -20.67 -40.42 34.68
N GLU A 563 -20.31 -41.65 34.33
CA GLU A 563 -19.47 -41.98 33.18
C GLU A 563 -20.10 -41.52 31.88
N LYS A 564 -21.29 -42.03 31.61
CA LYS A 564 -22.14 -41.61 30.52
C LYS A 564 -21.91 -40.16 30.13
N ILE A 565 -21.78 -39.31 31.14
CA ILE A 565 -21.79 -37.89 30.93
C ILE A 565 -20.40 -37.36 30.67
N LYS A 566 -19.40 -37.87 31.37
CA LYS A 566 -18.04 -37.42 31.09
C LYS A 566 -17.67 -37.90 29.67
N LYS A 567 -18.03 -39.12 29.32
CA LYS A 567 -17.75 -39.61 27.98
C LYS A 567 -18.50 -38.85 26.87
N VAL A 568 -19.77 -38.49 27.07
CA VAL A 568 -20.52 -37.74 26.05
C VAL A 568 -20.07 -36.26 25.92
N PHE A 569 -20.00 -35.58 27.06
CA PHE A 569 -19.76 -34.15 27.12
C PHE A 569 -18.27 -33.86 27.26
N VAL A 570 -17.53 -34.40 26.29
CA VAL A 570 -16.11 -34.09 26.06
C VAL A 570 -15.90 -32.66 25.56
N VAL A 571 -14.79 -32.02 25.93
CA VAL A 571 -14.37 -30.74 25.34
C VAL A 571 -13.09 -30.94 24.48
N ALA A 572 -12.65 -29.87 23.80
CA ALA A 572 -11.60 -29.92 22.78
C ALA A 572 -10.34 -30.53 23.40
N LEU A 573 -9.97 -30.04 24.57
CA LEU A 573 -8.79 -30.61 25.24
C LEU A 573 -8.96 -32.03 25.76
N ASP A 574 -10.20 -32.47 26.01
CA ASP A 574 -10.46 -33.90 26.31
C ASP A 574 -10.24 -34.77 25.11
N ILE A 575 -10.18 -34.16 23.91
CA ILE A 575 -10.17 -34.94 22.69
C ILE A 575 -8.76 -34.86 22.15
N ASP A 576 -8.13 -36.00 21.91
CA ASP A 576 -6.70 -35.95 21.59
C ASP A 576 -6.53 -35.53 20.14
N PRO A 577 -5.35 -35.02 19.80
CA PRO A 577 -5.05 -34.49 18.48
C PRO A 577 -5.48 -35.39 17.34
N MET A 578 -5.12 -36.65 17.43
CA MET A 578 -5.51 -37.59 16.39
C MET A 578 -7.03 -37.69 16.10
N ASP A 579 -7.89 -37.53 17.12
CA ASP A 579 -9.32 -37.73 16.99
C ASP A 579 -9.93 -36.48 16.35
N HIS A 580 -9.35 -35.33 16.70
CA HIS A 580 -9.55 -34.11 15.96
C HIS A 580 -9.21 -34.35 14.46
N LEU A 581 -7.97 -34.77 14.18
CA LEU A 581 -7.57 -34.92 12.82
C LEU A 581 -8.58 -35.80 12.10
N LEU A 582 -8.93 -36.93 12.70
CA LEU A 582 -9.77 -37.89 11.98
C LEU A 582 -11.23 -37.42 11.77
N MET A 583 -11.73 -36.55 12.64
CA MET A 583 -13.03 -35.96 12.47
C MET A 583 -13.01 -35.02 11.25
N GLN A 584 -11.91 -34.28 11.12
CA GLN A 584 -11.74 -33.40 9.98
C GLN A 584 -11.76 -34.22 8.72
N ASP A 585 -10.96 -35.28 8.68
CA ASP A 585 -11.06 -36.24 7.57
C ASP A 585 -12.52 -36.67 7.22
N ALA A 586 -13.33 -37.07 8.22
CA ALA A 586 -14.67 -37.61 7.91
C ALA A 586 -15.47 -36.63 7.10
N PHE A 587 -15.39 -35.37 7.55
CA PHE A 587 -16.11 -34.29 6.91
C PHE A 587 -15.50 -33.96 5.52
N GLN A 588 -14.17 -33.89 5.42
CA GLN A 588 -13.56 -33.53 4.13
C GLN A 588 -13.99 -34.51 3.04
N ARG A 589 -14.27 -35.75 3.45
CA ARG A 589 -14.64 -36.79 2.49
C ARG A 589 -15.95 -36.45 1.70
N TYR A 590 -16.82 -35.57 2.23
CA TYR A 590 -18.08 -35.17 1.51
C TYR A 590 -18.25 -33.65 1.38
N VAL A 591 -17.11 -32.96 1.43
CA VAL A 591 -17.09 -31.53 1.20
C VAL A 591 -16.20 -31.21 -0.03
N ASP A 592 -16.75 -30.39 -0.93
CA ASP A 592 -16.02 -30.03 -2.13
C ASP A 592 -15.02 -28.93 -1.90
N ASN A 593 -15.33 -27.93 -1.07
CA ASN A 593 -14.31 -26.99 -0.69
C ASN A 593 -13.54 -27.58 0.54
N ASN A 594 -12.96 -26.75 1.41
CA ASN A 594 -12.20 -27.32 2.54
C ASN A 594 -12.98 -27.17 3.83
N ILE A 595 -12.25 -27.37 4.92
CA ILE A 595 -12.82 -27.42 6.21
C ILE A 595 -11.90 -26.71 7.16
N SER A 596 -12.51 -25.91 8.03
CA SER A 596 -11.82 -25.16 9.04
C SER A 596 -11.91 -25.98 10.28
N LYS A 597 -10.72 -26.32 10.81
CA LYS A 597 -10.59 -27.21 11.94
C LYS A 597 -9.28 -26.93 12.68
N THR A 598 -9.36 -26.63 13.96
CA THR A 598 -8.16 -26.47 14.74
C THR A 598 -7.78 -27.80 15.32
N ILE A 599 -6.54 -28.26 15.12
CA ILE A 599 -6.10 -29.46 15.84
C ILE A 599 -5.57 -29.05 17.23
N ASN A 600 -6.39 -29.22 18.27
CA ASN A 600 -6.00 -28.79 19.60
C ASN A 600 -4.97 -29.76 20.20
N MET A 601 -3.91 -29.23 20.80
CA MET A 601 -2.95 -30.16 21.44
C MET A 601 -2.77 -29.81 22.88
N PRO A 602 -2.59 -30.82 23.78
CA PRO A 602 -2.45 -30.58 25.24
C PRO A 602 -1.18 -29.77 25.51
N GLN A 603 -1.04 -29.15 26.68
CA GLN A 603 0.23 -28.41 26.96
C GLN A 603 1.44 -29.34 26.86
N SER A 604 1.25 -30.58 27.33
CA SER A 604 2.32 -31.55 27.46
C SER A 604 2.77 -32.13 26.12
N ALA A 605 2.11 -31.72 25.02
CA ALA A 605 2.50 -32.19 23.66
C ALA A 605 3.92 -31.72 23.35
N THR A 606 4.64 -32.44 22.51
CA THR A 606 6.00 -32.08 22.06
C THR A 606 6.06 -31.72 20.56
N VAL A 607 7.22 -31.26 20.12
CA VAL A 607 7.45 -31.05 18.71
C VAL A 607 7.16 -32.30 17.85
N ASP A 608 7.71 -33.42 18.32
CA ASP A 608 7.42 -34.71 17.72
C ASP A 608 5.90 -35.01 17.55
N ASP A 609 5.12 -34.62 18.56
CA ASP A 609 3.68 -34.85 18.54
C ASP A 609 3.07 -34.06 17.36
N VAL A 610 3.48 -32.82 17.17
CA VAL A 610 3.09 -32.03 16.04
C VAL A 610 3.45 -32.71 14.69
N LEU A 611 4.71 -33.13 14.54
CA LEU A 611 5.14 -33.82 13.32
C LEU A 611 4.27 -35.02 13.03
N ASN A 612 3.96 -35.77 14.08
CA ASN A 612 3.13 -36.95 13.90
C ASN A 612 1.73 -36.58 13.39
N VAL A 613 1.15 -35.48 13.91
CA VAL A 613 -0.09 -34.93 13.38
C VAL A 613 0.07 -34.67 11.88
N TYR A 614 1.05 -33.83 11.54
CA TYR A 614 1.43 -33.57 10.17
C TYR A 614 1.52 -34.81 9.29
N LEU A 615 2.24 -35.81 9.73
CA LEU A 615 2.36 -37.01 8.91
C LEU A 615 0.99 -37.67 8.76
N GLU A 616 0.28 -37.85 9.86
CA GLU A 616 -1.01 -38.45 9.70
C GLU A 616 -1.82 -37.66 8.69
N ALA A 617 -1.73 -36.33 8.77
CA ALA A 617 -2.53 -35.45 7.94
C ALA A 617 -2.25 -35.85 6.51
N LEU A 618 -0.98 -36.22 6.25
CA LEU A 618 -0.54 -36.59 4.93
C LEU A 618 -1.22 -37.82 4.41
N ARG A 619 -1.47 -38.79 5.28
CA ARG A 619 -2.16 -40.02 4.85
C ARG A 619 -3.70 -39.93 4.85
N THR A 620 -4.29 -38.80 5.24
CA THR A 620 -5.74 -38.69 5.30
C THR A 620 -6.24 -37.85 4.12
N ASN A 621 -7.51 -37.45 4.15
CA ASN A 621 -8.07 -36.65 3.02
C ASN A 621 -8.29 -35.19 3.40
N VAL A 622 -7.60 -34.75 4.46
CA VAL A 622 -7.66 -33.36 4.93
C VAL A 622 -6.94 -32.54 3.91
N ARG A 623 -7.43 -31.33 3.69
CA ARG A 623 -6.89 -30.42 2.66
C ARG A 623 -5.94 -29.35 3.26
N GLY A 624 -6.09 -29.10 4.57
CA GLY A 624 -5.09 -28.33 5.29
C GLY A 624 -4.93 -28.75 6.73
N ILE A 625 -4.01 -28.09 7.41
CA ILE A 625 -3.79 -28.33 8.83
C ILE A 625 -3.58 -27.00 9.58
N THR A 626 -4.47 -26.72 10.53
CA THR A 626 -4.16 -25.80 11.62
C THR A 626 -3.94 -26.62 12.91
N VAL A 627 -2.84 -26.34 13.62
CA VAL A 627 -2.67 -26.82 15.02
C VAL A 627 -2.62 -25.71 16.08
N TYR A 628 -3.18 -25.97 17.27
CA TYR A 628 -3.03 -25.03 18.38
C TYR A 628 -2.64 -25.72 19.70
N ARG A 629 -1.44 -25.44 20.18
CA ARG A 629 -1.08 -26.04 21.46
C ARG A 629 -1.58 -25.21 22.62
N ASP A 630 -2.38 -25.85 23.47
CA ASP A 630 -2.83 -25.20 24.68
C ASP A 630 -1.66 -24.58 25.48
N GLY A 631 -1.76 -23.28 25.75
CA GLY A 631 -0.76 -22.57 26.53
C GLY A 631 0.40 -22.08 25.67
N SER A 632 0.30 -22.29 24.36
CA SER A 632 1.24 -21.72 23.41
C SER A 632 1.41 -20.19 23.56
N LEU A 633 0.35 -19.44 23.23
CA LEU A 633 0.46 -17.98 23.05
C LEU A 633 0.27 -17.22 24.36
N MET B 1 34.68 36.84 -21.13
CA MET B 1 35.36 35.71 -21.82
C MET B 1 34.26 34.89 -22.42
N LYS B 2 34.43 34.43 -23.64
CA LYS B 2 33.39 33.61 -24.26
C LYS B 2 33.35 32.28 -23.55
N LEU B 3 32.14 31.70 -23.50
CA LEU B 3 31.91 30.41 -22.88
C LEU B 3 32.93 29.39 -23.33
N SER B 4 33.24 29.38 -24.64
CA SER B 4 34.16 28.33 -25.11
C SER B 4 35.58 28.47 -24.56
N ASP B 5 35.97 29.68 -24.16
CA ASP B 5 37.30 29.81 -23.52
C ASP B 5 37.16 29.33 -22.12
N LEU B 6 36.02 29.71 -21.52
CA LEU B 6 35.73 29.27 -20.18
C LEU B 6 35.82 27.77 -20.13
N ILE B 7 35.10 27.10 -21.02
CA ILE B 7 35.24 25.66 -21.22
C ILE B 7 36.69 25.14 -21.26
N SER B 8 37.58 25.81 -22.02
CA SER B 8 38.99 25.38 -22.15
C SER B 8 39.79 25.44 -20.84
N ARG B 9 39.47 26.41 -19.97
CA ARG B 9 39.98 26.47 -18.59
C ARG B 9 39.60 25.21 -17.80
N TRP B 10 38.40 24.67 -17.98
CA TRP B 10 37.93 23.61 -17.04
C TRP B 10 37.81 22.22 -17.67
N ILE B 11 37.72 22.15 -18.98
CA ILE B 11 37.48 20.87 -19.58
C ILE B 11 38.49 19.78 -19.15
N ASP B 12 39.75 20.14 -18.86
CA ASP B 12 40.79 19.08 -18.60
C ASP B 12 41.18 18.97 -17.12
N VAL B 13 40.43 19.69 -16.30
CA VAL B 13 40.68 19.67 -14.87
C VAL B 13 39.96 18.42 -14.42
N GLU B 14 40.76 17.42 -14.03
CA GLU B 14 40.23 16.11 -13.68
C GLU B 14 39.41 16.15 -12.39
N PRO B 15 38.23 15.48 -12.40
CA PRO B 15 37.53 15.24 -11.14
C PRO B 15 38.53 14.79 -10.10
N SER B 16 38.43 15.32 -8.87
CA SER B 16 39.31 14.92 -7.77
C SER B 16 39.12 13.45 -7.43
N LYS B 17 40.06 12.91 -6.63
CA LYS B 17 40.03 11.50 -6.22
C LYS B 17 38.71 11.18 -5.55
N ASN B 18 38.22 12.12 -4.75
CA ASN B 18 36.94 11.96 -4.06
C ASN B 18 35.76 11.89 -5.04
N ALA B 19 35.74 12.82 -6.00
CA ALA B 19 34.70 12.85 -7.01
C ALA B 19 34.73 11.56 -7.79
N GLN B 20 35.93 11.09 -8.12
CA GLN B 20 36.07 9.91 -8.97
C GLN B 20 35.57 8.66 -8.29
N ILE B 21 35.84 8.50 -6.99
CA ILE B 21 35.27 7.42 -6.17
C ILE B 21 33.76 7.40 -6.32
N ILE B 22 33.10 8.53 -6.06
CA ILE B 22 31.62 8.66 -6.20
C ILE B 22 31.09 8.26 -7.60
N LEU B 23 31.76 8.75 -8.62
CA LEU B 23 31.41 8.40 -9.97
C LEU B 23 31.37 6.87 -10.21
N ARG B 24 32.45 6.19 -9.80
CA ARG B 24 32.50 4.74 -9.86
C ARG B 24 31.36 4.12 -9.09
N ASP B 25 31.23 4.43 -7.79
CA ASP B 25 30.22 3.75 -6.94
C ASP B 25 28.88 3.70 -7.60
N ARG B 26 28.43 4.82 -8.16
CA ARG B 26 27.02 4.86 -8.57
C ARG B 26 26.67 5.54 -9.91
N TYR B 27 27.62 6.26 -10.52
CA TYR B 27 27.34 6.93 -11.83
C TYR B 27 27.83 6.25 -13.12
N PHE B 28 29.06 5.70 -13.12
CA PHE B 28 29.61 5.00 -14.30
C PHE B 28 28.77 3.82 -14.63
N MET B 29 28.18 3.77 -15.81
CA MET B 29 27.40 2.56 -16.19
C MET B 29 28.23 1.27 -16.14
N LYS B 30 27.56 0.19 -15.73
CA LYS B 30 28.19 -1.09 -15.58
C LYS B 30 27.45 -1.98 -16.55
N ASP B 31 28.15 -2.95 -17.15
CA ASP B 31 27.46 -3.92 -18.02
C ASP B 31 26.93 -5.05 -17.18
N LEU B 32 26.37 -6.05 -17.87
CA LEU B 32 25.48 -6.97 -17.20
C LEU B 32 26.15 -7.96 -16.27
N ASP B 33 27.47 -7.83 -16.08
CA ASP B 33 28.25 -8.66 -15.15
C ASP B 33 28.91 -7.82 -14.06
N GLY B 34 28.51 -6.53 -13.98
CA GLY B 34 29.17 -5.54 -13.14
C GLY B 34 30.50 -5.07 -13.71
N ASN B 35 30.74 -5.33 -15.00
CA ASN B 35 31.89 -4.75 -15.71
C ASN B 35 31.62 -3.28 -16.00
N TYR B 36 32.69 -2.51 -16.11
CA TYR B 36 32.55 -1.07 -16.40
C TYR B 36 32.51 -0.70 -17.87
N LEU B 37 31.36 -0.22 -18.30
CA LEU B 37 31.25 0.42 -19.57
C LEU B 37 31.84 1.84 -19.56
N GLU B 38 31.89 2.50 -18.41
CA GLU B 38 32.36 3.88 -18.39
C GLU B 38 33.44 3.94 -17.33
N THR B 39 34.58 4.56 -17.59
CA THR B 39 35.66 4.60 -16.59
C THR B 39 36.13 6.02 -16.27
N LYS B 40 35.54 6.98 -16.95
CA LYS B 40 35.99 8.35 -16.92
C LYS B 40 34.76 9.27 -16.98
N TRP B 41 34.82 10.40 -16.26
CA TRP B 41 33.70 11.33 -16.29
C TRP B 41 33.31 11.72 -17.73
N GLU B 42 34.31 11.84 -18.60
CA GLU B 42 34.13 12.02 -20.03
C GLU B 42 33.11 11.04 -20.66
N ASP B 43 33.04 9.81 -20.19
CA ASP B 43 32.13 8.85 -20.80
C ASP B 43 30.72 9.18 -20.45
N VAL B 44 30.52 9.60 -19.19
CA VAL B 44 29.20 10.01 -18.69
C VAL B 44 28.77 11.19 -19.49
N ALA B 45 29.72 12.11 -19.69
CA ALA B 45 29.40 13.35 -20.34
C ALA B 45 28.95 13.12 -21.80
N ARG B 46 29.54 12.13 -22.44
CA ARG B 46 29.31 11.82 -23.85
C ARG B 46 27.91 11.26 -23.96
N ARG B 47 27.68 10.22 -23.15
CA ARG B 47 26.41 9.54 -23.12
C ARG B 47 25.29 10.49 -22.81
N VAL B 48 25.48 11.35 -21.81
CA VAL B 48 24.34 12.16 -21.44
C VAL B 48 24.13 13.21 -22.51
N ALA B 49 25.23 13.75 -23.00
CA ALA B 49 25.19 14.76 -23.97
C ALA B 49 24.43 14.30 -25.24
N ARG B 50 24.59 13.01 -25.58
CA ARG B 50 24.11 12.50 -26.83
C ARG B 50 22.64 12.17 -26.73
N VAL B 51 22.29 11.45 -25.66
CA VAL B 51 20.89 11.14 -25.37
C VAL B 51 20.07 12.41 -25.40
N VAL B 52 20.53 13.46 -24.71
CA VAL B 52 19.70 14.69 -24.58
C VAL B 52 19.70 15.48 -25.93
N ALA B 53 20.82 15.46 -26.65
CA ALA B 53 20.88 16.06 -27.96
C ALA B 53 19.79 15.47 -28.86
N THR B 54 19.56 14.15 -28.73
CA THR B 54 18.63 13.40 -29.54
C THR B 54 17.27 14.06 -29.56
N ALA B 55 16.98 14.84 -28.52
CA ALA B 55 15.66 15.49 -28.46
C ALA B 55 15.52 16.38 -29.68
N GLU B 56 16.63 16.84 -30.22
CA GLU B 56 16.54 17.73 -31.38
C GLU B 56 15.85 17.08 -32.62
N LEU B 57 15.69 15.75 -32.61
CA LEU B 57 14.97 15.03 -33.62
C LEU B 57 13.59 15.66 -33.80
N LEU B 58 12.99 16.12 -32.73
CA LEU B 58 11.62 16.59 -32.74
C LEU B 58 11.51 18.07 -32.94
N ASN B 59 12.61 18.71 -33.30
CA ASN B 59 12.60 20.14 -33.63
C ASN B 59 11.82 20.47 -34.93
N PRO B 60 10.67 21.17 -34.83
CA PRO B 60 9.88 21.55 -36.04
C PRO B 60 10.53 22.60 -36.93
N SER B 61 11.55 23.29 -36.42
CA SER B 61 12.15 24.35 -37.20
C SER B 61 13.36 23.84 -38.01
N TYR B 62 13.72 22.58 -37.83
CA TYR B 62 14.80 22.04 -38.62
C TYR B 62 14.23 21.23 -39.78
N LYS B 63 14.74 21.41 -41.00
CA LYS B 63 14.38 20.49 -42.11
C LYS B 63 15.14 19.16 -41.90
N LYS B 64 14.52 18.04 -42.32
CA LYS B 64 15.15 16.71 -42.19
C LYS B 64 16.60 16.65 -42.70
N ASN B 65 16.96 17.58 -43.58
CA ASN B 65 18.29 17.60 -44.20
C ASN B 65 19.34 18.47 -43.47
N GLU B 66 18.93 19.23 -42.45
CA GLU B 66 19.87 19.93 -41.56
C GLU B 66 19.97 19.24 -40.19
N LYS B 67 18.99 18.42 -39.86
CA LYS B 67 18.94 17.80 -38.56
C LYS B 67 20.26 17.21 -38.03
N LEU B 68 20.96 16.45 -38.85
CA LEU B 68 22.13 15.73 -38.38
C LEU B 68 23.19 16.75 -37.90
N ASP B 69 23.35 17.82 -38.66
CA ASP B 69 24.31 18.86 -38.28
C ASP B 69 23.92 19.54 -36.95
N ARG B 70 22.63 19.82 -36.79
CA ARG B 70 22.14 20.54 -35.63
C ARG B 70 22.21 19.69 -34.39
N ILE B 71 21.85 18.40 -34.55
CA ILE B 71 21.87 17.43 -33.48
C ILE B 71 23.27 17.27 -32.97
N LYS B 72 24.25 17.23 -33.88
CA LYS B 72 25.64 17.05 -33.49
C LYS B 72 26.23 18.30 -32.88
N GLU B 73 25.72 19.45 -33.27
CA GLU B 73 26.24 20.67 -32.65
C GLU B 73 25.79 20.79 -31.20
N TRP B 74 24.54 20.39 -30.94
CA TRP B 74 24.02 20.33 -29.60
C TRP B 74 24.75 19.25 -28.76
N GLU B 75 25.02 18.07 -29.32
CA GLU B 75 25.71 17.07 -28.55
C GLU B 75 27.08 17.59 -28.11
N ASP B 76 27.73 18.23 -29.05
CA ASP B 76 29.03 18.79 -28.83
C ASP B 76 29.02 19.93 -27.78
N ILE B 77 28.09 20.87 -27.90
CA ILE B 77 28.02 21.91 -26.88
C ILE B 77 27.64 21.33 -25.48
N PHE B 78 26.59 20.51 -25.44
CA PHE B 78 26.30 19.74 -24.25
C PHE B 78 27.50 18.99 -23.69
N PHE B 79 28.29 18.34 -24.57
CA PHE B 79 29.36 17.44 -24.11
C PHE B 79 30.46 18.25 -23.40
N ARG B 80 30.92 19.28 -24.07
CA ARG B 80 31.93 20.14 -23.52
C ARG B 80 31.52 20.80 -22.18
N VAL B 81 30.35 21.41 -22.17
CA VAL B 81 29.85 22.04 -20.95
C VAL B 81 29.82 21.05 -19.77
N LEU B 82 29.59 19.78 -20.08
CA LEU B 82 29.44 18.79 -19.05
C LEU B 82 30.78 18.25 -18.61
N LYS B 83 31.73 18.16 -19.50
CA LYS B 83 32.98 17.48 -19.17
C LYS B 83 33.68 18.46 -18.28
N ALA B 84 33.54 19.73 -18.63
CA ALA B 84 34.10 20.81 -17.85
C ALA B 84 33.44 21.00 -16.51
N ARG B 85 32.24 20.44 -16.32
CA ARG B 85 31.54 20.48 -15.02
C ARG B 85 31.12 21.90 -14.69
N LEU B 86 30.76 22.59 -15.75
CA LEU B 86 30.27 23.95 -15.63
C LEU B 86 28.80 23.91 -15.30
N PHE B 87 28.13 22.82 -15.72
CA PHE B 87 26.70 22.61 -15.51
C PHE B 87 26.54 21.12 -15.46
N ILE B 88 25.65 20.66 -14.57
CA ILE B 88 25.44 19.24 -14.40
C ILE B 88 23.95 19.04 -14.12
N PRO B 89 23.34 18.06 -14.80
CA PRO B 89 21.91 17.72 -14.57
C PRO B 89 21.78 16.90 -13.30
N ASN B 90 20.54 16.75 -12.79
CA ASN B 90 20.32 16.06 -11.53
C ASN B 90 20.63 14.58 -11.67
N SER B 91 21.09 13.94 -10.60
CA SER B 91 21.56 12.55 -10.65
C SER B 91 20.80 11.65 -11.63
N PRO B 92 19.46 11.62 -11.56
CA PRO B 92 18.71 10.69 -12.43
C PRO B 92 19.06 10.76 -13.88
N THR B 93 19.45 11.94 -14.30
CA THR B 93 19.85 12.15 -15.69
C THR B 93 21.17 11.45 -15.92
N LEU B 94 22.08 11.60 -14.97
CA LEU B 94 23.34 10.90 -15.02
C LEU B 94 23.08 9.39 -15.01
N PHE B 95 22.26 8.89 -14.09
CA PHE B 95 22.11 7.44 -13.88
C PHE B 95 21.53 6.85 -15.14
N ASN B 96 20.49 7.49 -15.64
CA ASN B 96 19.58 6.79 -16.51
C ASN B 96 19.62 7.14 -17.96
N ALA B 97 20.24 8.24 -18.36
CA ALA B 97 20.23 8.48 -19.78
C ALA B 97 20.99 7.38 -20.56
N GLY B 98 20.33 6.82 -21.55
CA GLY B 98 20.95 5.80 -22.36
C GLY B 98 20.47 4.39 -22.06
N LEU B 99 19.59 4.22 -21.07
CA LEU B 99 19.14 2.90 -20.68
C LEU B 99 18.17 2.39 -21.72
N GLY B 100 18.51 1.21 -22.25
CA GLY B 100 17.73 0.53 -23.29
C GLY B 100 18.37 0.71 -24.65
N VAL B 101 19.55 1.31 -24.70
CA VAL B 101 20.14 1.76 -25.98
C VAL B 101 21.36 0.92 -26.17
N LYS B 102 21.60 0.48 -27.42
CA LYS B 102 22.73 -0.36 -27.72
C LYS B 102 24.01 0.36 -27.34
N HIS B 103 24.88 -0.33 -26.63
CA HIS B 103 26.15 0.22 -26.19
C HIS B 103 27.03 0.80 -27.31
N ASP B 104 27.13 0.10 -28.43
CA ASP B 104 27.94 0.54 -29.57
C ASP B 104 27.50 1.91 -30.08
N LEU B 105 26.61 2.57 -29.36
CA LEU B 105 25.92 3.70 -29.89
C LEU B 105 26.02 4.88 -28.95
N LEU B 106 26.07 4.60 -27.66
CA LEU B 106 26.04 5.64 -26.66
C LEU B 106 27.34 6.40 -26.65
N TRP B 107 28.45 5.70 -26.86
CA TRP B 107 29.76 6.33 -26.67
C TRP B 107 30.50 6.52 -27.96
N LYS B 108 29.84 6.35 -29.08
CA LYS B 108 30.62 6.41 -30.28
C LYS B 108 30.94 7.87 -30.65
N PRO B 109 32.00 8.08 -31.46
CA PRO B 109 32.39 9.42 -31.75
C PRO B 109 31.26 10.14 -32.46
N ILE B 110 31.14 11.42 -32.16
CA ILE B 110 30.13 12.26 -32.75
C ILE B 110 30.30 12.37 -34.27
N ASP B 111 31.55 12.34 -34.76
CA ASP B 111 31.81 12.51 -36.21
C ASP B 111 31.12 11.41 -36.99
N GLN B 112 30.89 10.28 -36.33
CA GLN B 112 30.53 9.08 -37.01
C GLN B 112 29.04 8.87 -36.94
N MET B 113 28.31 9.79 -36.29
CA MET B 113 26.91 9.55 -35.98
C MET B 113 26.09 9.87 -37.20
N THR B 114 25.03 9.10 -37.44
CA THR B 114 24.14 9.33 -38.61
C THR B 114 22.79 9.75 -38.11
N LEU B 115 21.89 10.16 -38.99
CA LEU B 115 20.54 10.49 -38.61
C LEU B 115 19.79 9.27 -38.07
N GLU B 116 20.04 8.11 -38.67
CA GLU B 116 19.53 6.84 -38.22
C GLU B 116 20.01 6.48 -36.81
N ASP B 117 21.26 6.84 -36.47
CA ASP B 117 21.85 6.54 -35.14
C ASP B 117 21.07 7.21 -34.03
N TYR B 118 20.76 8.48 -34.24
CA TYR B 118 19.99 9.25 -33.26
C TYR B 118 18.62 8.66 -33.10
N GLU B 119 17.99 8.40 -34.23
CA GLU B 119 16.70 7.73 -34.27
C GLU B 119 16.68 6.41 -33.54
N GLU B 120 17.69 5.58 -33.73
CA GLU B 120 17.81 4.36 -32.91
C GLU B 120 17.94 4.65 -31.39
N ILE B 121 18.56 5.78 -31.01
CA ILE B 121 18.69 6.15 -29.60
C ILE B 121 17.31 6.57 -29.09
N TYR B 122 16.64 7.40 -29.86
CA TYR B 122 15.37 7.91 -29.42
C TYR B 122 14.37 6.80 -29.18
N ARG B 123 14.41 5.78 -30.05
CA ARG B 123 13.36 4.79 -30.11
C ARG B 123 13.65 3.60 -29.24
N SER B 124 14.86 3.51 -28.68
CA SER B 124 15.19 2.36 -27.87
C SER B 124 15.32 2.66 -26.37
N ARG B 125 14.63 3.71 -25.95
CA ARG B 125 14.67 4.19 -24.59
C ARG B 125 13.70 3.35 -23.80
N ASN B 126 14.17 2.68 -22.75
CA ASN B 126 13.29 1.76 -22.05
C ASN B 126 12.56 2.41 -20.88
N HIS B 127 11.76 1.64 -20.17
CA HIS B 127 10.96 2.17 -19.06
C HIS B 127 11.77 2.58 -17.82
N LEU B 128 13.08 2.36 -17.81
CA LEU B 128 13.92 2.90 -16.70
C LEU B 128 14.59 4.23 -17.08
N HIS B 129 14.24 4.76 -18.25
CA HIS B 129 14.92 5.93 -18.81
C HIS B 129 14.33 7.17 -18.18
N MET B 130 14.44 7.22 -16.85
CA MET B 130 13.71 8.17 -16.06
C MET B 130 14.70 9.16 -15.56
N LEU B 131 14.51 10.41 -15.95
CA LEU B 131 15.57 11.42 -15.84
C LEU B 131 15.27 12.60 -14.90
N SER B 132 14.27 12.44 -14.06
CA SER B 132 13.72 13.52 -13.24
C SER B 132 13.84 13.27 -11.76
N ALA B 133 14.07 14.29 -10.98
CA ALA B 133 14.23 14.04 -9.56
C ALA B 133 12.88 14.13 -8.84
N CYS B 134 12.01 15.04 -9.26
CA CYS B 134 10.98 15.59 -8.42
C CYS B 134 9.59 15.23 -8.96
N PHE B 135 8.78 14.59 -8.10
CA PHE B 135 7.37 14.26 -8.40
C PHE B 135 6.47 14.64 -7.21
N VAL B 136 5.20 14.94 -7.50
CA VAL B 136 4.13 15.08 -6.52
C VAL B 136 2.90 14.36 -7.06
N VAL B 137 2.27 13.56 -6.18
CA VAL B 137 0.99 12.90 -6.44
C VAL B 137 -0.08 13.25 -5.41
N PRO B 138 -1.30 13.40 -5.89
CA PRO B 138 -2.52 13.60 -5.10
C PRO B 138 -2.81 12.36 -4.30
N VAL B 139 -3.42 12.53 -3.14
CA VAL B 139 -3.89 11.44 -2.33
C VAL B 139 -5.33 11.78 -1.88
N GLY B 140 -6.31 11.46 -2.73
CA GLY B 140 -7.72 11.76 -2.46
C GLY B 140 -8.35 10.94 -1.32
N ASP B 141 -9.56 11.33 -0.91
CA ASP B 141 -10.18 10.83 0.34
C ASP B 141 -10.99 9.52 0.19
N SER B 142 -10.39 8.55 -0.51
CA SER B 142 -11.00 7.22 -0.69
C SER B 142 -9.94 6.20 -0.55
N ILE B 143 -10.36 4.99 -0.18
CA ILE B 143 -9.47 3.86 -0.13
C ILE B 143 -8.87 3.63 -1.51
N GLU B 144 -9.71 3.75 -2.52
CA GLU B 144 -9.26 3.66 -3.90
C GLU B 144 -8.05 4.55 -4.14
N GLU B 145 -8.19 5.83 -3.82
CA GLU B 145 -7.19 6.79 -4.22
C GLU B 145 -5.99 6.71 -3.29
N ILE B 146 -6.21 6.38 -2.03
CA ILE B 146 -5.09 6.21 -1.13
C ILE B 146 -4.13 5.11 -1.58
N PHE B 147 -4.66 3.99 -2.08
CA PHE B 147 -3.80 2.84 -2.38
C PHE B 147 -3.30 2.83 -3.84
N GLU B 148 -4.06 3.47 -4.74
CA GLU B 148 -3.50 3.90 -5.98
C GLU B 148 -2.19 4.74 -5.74
N ALA B 149 -2.29 5.80 -4.92
CA ALA B 149 -1.19 6.66 -4.56
C ALA B 149 -0.03 5.87 -4.05
N VAL B 150 -0.31 4.92 -3.18
CA VAL B 150 0.78 4.12 -2.66
C VAL B 150 1.50 3.32 -3.77
N LYS B 151 0.74 2.85 -4.73
CA LYS B 151 1.33 2.11 -5.83
C LYS B 151 2.20 3.05 -6.69
N GLU B 152 1.72 4.28 -6.91
CA GLU B 152 2.52 5.33 -7.59
C GLU B 152 3.82 5.63 -6.84
N TYR B 153 3.75 5.73 -5.51
CA TYR B 153 4.97 5.96 -4.75
C TYR B 153 5.97 4.86 -5.10
N ALA B 154 5.44 3.64 -5.21
CA ALA B 154 6.21 2.41 -5.41
C ALA B 154 6.93 2.51 -6.72
N LEU B 155 6.10 2.73 -7.77
CA LEU B 155 6.50 2.90 -9.15
C LEU B 155 7.48 4.04 -9.40
N ILE B 156 7.25 5.19 -8.78
CA ILE B 156 8.13 6.34 -9.02
C ILE B 156 9.46 6.07 -8.36
N THR B 157 9.38 5.49 -7.17
CA THR B 157 10.54 5.22 -6.35
C THR B 157 11.37 4.18 -7.03
N LYS B 158 10.69 3.23 -7.69
CA LYS B 158 11.40 2.09 -8.36
C LYS B 158 12.32 2.61 -9.50
N VAL B 159 11.85 3.59 -10.24
CA VAL B 159 12.68 4.27 -11.19
C VAL B 159 13.14 5.56 -10.52
N GLY B 161 13.80 8.08 -8.56
CA GLY B 161 12.76 9.16 -8.46
C GLY B 161 12.11 9.62 -7.13
N GLY B 162 12.15 10.92 -6.78
CA GLY B 162 11.54 11.41 -5.47
C GLY B 162 10.09 11.99 -5.47
N VAL B 163 9.31 11.69 -4.44
CA VAL B 163 7.91 12.05 -4.51
C VAL B 163 7.35 12.69 -3.24
N GLY B 164 6.48 13.68 -3.40
CA GLY B 164 5.83 14.30 -2.22
C GLY B 164 4.31 14.26 -2.35
N SER B 165 3.65 14.16 -1.20
CA SER B 165 2.19 14.43 -1.16
C SER B 165 1.73 15.37 -0.03
N ASN B 166 0.63 16.05 -0.32
CA ASN B 166 -0.20 16.72 0.66
C ASN B 166 -1.35 15.77 1.07
N PHE B 167 -1.40 15.41 2.34
CA PHE B 167 -2.34 14.34 2.76
C PHE B 167 -3.64 14.96 3.29
N SER B 168 -3.72 16.26 3.13
CA SER B 168 -4.83 17.03 3.72
C SER B 168 -6.23 16.61 3.21
N GLU B 169 -6.35 16.03 2.01
CA GLU B 169 -7.66 15.54 1.55
C GLU B 169 -8.26 14.46 2.46
N LEU B 170 -7.42 13.80 3.25
CA LEU B 170 -7.87 12.69 4.03
C LEU B 170 -8.55 13.15 5.29
N ARG B 171 -9.87 12.90 5.31
CA ARG B 171 -10.70 13.17 6.52
C ARG B 171 -9.98 12.74 7.76
N PRO B 172 -10.18 13.50 8.82
CA PRO B 172 -9.49 13.31 10.12
C PRO B 172 -9.74 11.94 10.76
N LYS B 173 -8.75 11.44 11.50
CA LYS B 173 -8.97 10.27 12.33
C LYS B 173 -10.33 10.35 13.07
N GLY B 174 -11.15 9.29 12.98
CA GLY B 174 -12.43 9.18 13.70
C GLY B 174 -13.61 9.58 12.82
N SER B 175 -13.33 10.21 11.71
CA SER B 175 -14.37 10.70 10.87
C SER B 175 -15.41 9.65 10.50
N PHE B 176 -16.61 10.09 10.18
CA PHE B 176 -17.64 9.19 9.67
C PHE B 176 -17.27 8.64 8.30
N VAL B 177 -17.25 7.32 8.17
CA VAL B 177 -17.10 6.66 6.85
C VAL B 177 -18.45 6.18 6.28
N ALA B 178 -19.04 7.02 5.41
CA ALA B 178 -20.35 6.75 4.76
C ALA B 178 -20.22 5.51 3.93
N GLY B 179 -18.97 5.07 3.85
CA GLY B 179 -18.64 3.76 3.36
C GLY B 179 -19.33 2.76 4.26
N THR B 180 -18.88 2.60 5.49
CA THR B 180 -19.17 1.35 6.20
C THR B 180 -19.23 1.55 7.71
N HIS B 181 -19.16 0.46 8.46
CA HIS B 181 -18.68 0.54 9.84
C HIS B 181 -17.22 0.87 9.62
N GLY B 182 -16.71 1.80 10.42
CA GLY B 182 -15.28 2.07 10.37
C GLY B 182 -14.81 3.11 11.34
N LYS B 183 -14.92 4.37 10.90
CA LYS B 183 -14.09 5.48 11.39
C LYS B 183 -12.77 5.58 10.61
N ALA B 184 -12.74 6.52 9.65
CA ALA B 184 -11.57 6.95 8.87
C ALA B 184 -10.34 6.89 9.75
N SER B 185 -9.23 6.40 9.23
CA SER B 185 -8.06 6.19 10.12
C SER B 185 -7.22 7.43 10.37
N GLY B 186 -7.35 8.43 9.51
CA GLY B 186 -6.53 9.62 9.63
C GLY B 186 -5.43 9.70 8.58
N PRO B 187 -5.04 10.93 8.16
CA PRO B 187 -3.86 11.05 7.26
C PRO B 187 -2.61 10.43 7.86
N VAL B 188 -2.35 10.65 9.14
CA VAL B 188 -1.12 10.20 9.76
C VAL B 188 -0.92 8.69 9.70
N SER B 189 -1.90 7.90 10.16
CA SER B 189 -1.83 6.43 10.06
C SER B 189 -1.68 6.03 8.60
N PHE B 190 -2.51 6.62 7.71
CA PHE B 190 -2.40 6.28 6.32
C PHE B 190 -0.96 6.51 5.77
N MET B 191 -0.27 7.52 6.30
CA MET B 191 1.08 7.76 5.81
C MET B 191 2.03 6.61 6.18
N HIS B 192 1.62 5.75 7.11
CA HIS B 192 2.47 4.66 7.53
C HIS B 192 2.58 3.62 6.43
N VAL B 193 1.57 3.59 5.55
CA VAL B 193 1.52 2.63 4.49
C VAL B 193 2.55 3.02 3.47
N PHE B 194 2.63 4.31 3.25
CA PHE B 194 3.59 4.90 2.33
C PHE B 194 5.01 4.67 2.87
N ASN B 195 5.21 4.81 4.17
CA ASN B 195 6.54 4.63 4.66
C ASN B 195 6.97 3.19 4.49
N SER B 196 5.97 2.30 4.47
CA SER B 196 6.21 0.88 4.61
C SER B 196 6.53 0.35 3.19
N ALA B 197 5.74 0.80 2.21
CA ALA B 197 5.97 0.63 0.80
C ALA B 197 7.35 1.04 0.37
N ILE B 198 7.76 2.23 0.79
CA ILE B 198 9.11 2.68 0.49
C ILE B 198 10.18 1.92 1.29
N SER B 199 9.84 1.41 2.47
CA SER B 199 10.90 0.65 3.19
C SER B 199 11.25 -0.59 2.38
N VAL B 200 10.38 -0.95 1.45
CA VAL B 200 10.54 -2.20 0.76
C VAL B 200 10.92 -2.04 -0.72
N VAL B 201 10.49 -0.96 -1.37
CA VAL B 201 10.99 -0.63 -2.72
C VAL B 201 12.31 0.15 -2.67
N LYS B 202 13.46 -0.46 -2.99
CA LYS B 202 14.70 0.35 -3.22
C LYS B 202 14.67 1.28 -4.46
N GLN B 203 15.13 2.55 -4.25
CA GLN B 203 15.10 3.65 -5.25
C GLN B 203 16.35 3.72 -6.15
N ALA B 210 13.76 9.02 0.39
CA ALA B 210 13.25 10.17 1.18
C ALA B 210 12.02 10.76 0.44
N LEU B 211 11.01 11.15 1.23
CA LEU B 211 9.63 11.40 0.76
C LEU B 211 9.12 12.69 1.36
N MET B 212 8.24 13.40 0.65
CA MET B 212 7.65 14.57 1.33
C MET B 212 6.26 14.31 1.80
N GLY B 213 6.04 14.56 3.10
CA GLY B 213 4.71 14.51 3.72
C GLY B 213 4.26 15.85 4.26
N ILE B 214 3.18 16.39 3.69
CA ILE B 214 2.61 17.68 4.11
C ILE B 214 1.13 17.62 4.61
N LEU B 215 0.83 18.38 5.64
CA LEU B 215 -0.54 18.46 6.21
C LEU B 215 -0.78 19.93 6.56
N ASN B 216 -1.88 20.50 6.08
CA ASN B 216 -2.14 21.93 6.24
C ASN B 216 -2.33 22.26 7.69
N ILE B 217 -1.81 23.42 8.09
CA ILE B 217 -1.89 23.93 9.47
C ILE B 217 -3.31 23.83 10.08
N ASN B 218 -4.34 23.77 9.24
CA ASN B 218 -5.70 23.86 9.73
C ASN B 218 -6.59 22.64 9.47
N HIS B 219 -5.97 21.51 9.12
CA HIS B 219 -6.54 20.19 9.15
C HIS B 219 -6.65 19.76 10.62
N PRO B 220 -7.79 19.15 10.96
CA PRO B 220 -7.95 18.65 12.34
C PRO B 220 -6.85 17.77 12.94
N ASP B 221 -5.96 17.17 12.13
CA ASP B 221 -4.98 16.23 12.71
C ASP B 221 -3.58 16.77 12.91
N ILE B 222 -3.48 18.08 12.86
CA ILE B 222 -2.23 18.73 12.65
C ILE B 222 -1.28 18.54 13.80
N GLU B 223 -1.87 18.49 15.00
CA GLU B 223 -1.13 18.30 16.22
C GLU B 223 -0.53 16.91 16.26
N GLU B 224 -1.32 15.94 15.86
CA GLU B 224 -0.82 14.60 15.85
C GLU B 224 0.31 14.59 14.78
N PHE B 225 0.01 15.15 13.60
CA PHE B 225 1.01 15.33 12.54
C PHE B 225 2.34 15.91 12.98
N ILE B 226 2.28 17.01 13.71
CA ILE B 226 3.47 17.73 14.12
C ILE B 226 4.34 16.85 15.00
N ASP B 227 3.76 15.85 15.63
CA ASP B 227 4.45 15.00 16.60
C ASP B 227 4.84 13.65 15.98
N ALA B 228 4.40 13.39 14.74
CA ALA B 228 4.50 12.04 14.13
C ALA B 228 5.93 11.44 13.92
N LYS B 229 6.92 11.93 14.69
CA LYS B 229 8.33 11.49 14.61
C LYS B 229 9.08 11.80 15.91
N LYS B 230 8.33 12.31 16.89
CA LYS B 230 8.74 12.35 18.27
C LYS B 230 8.58 10.95 18.87
N VAL B 237 9.28 4.38 11.85
CA VAL B 237 8.05 5.14 12.17
C VAL B 237 7.45 5.67 10.86
N LEU B 238 7.75 6.96 10.62
CA LEU B 238 7.67 7.57 9.29
C LEU B 238 9.08 8.03 9.00
N ASN B 239 10.02 7.16 9.35
CA ASN B 239 11.45 7.33 9.14
C ASN B 239 11.83 7.68 7.70
N PHE B 240 10.96 7.42 6.72
CA PHE B 240 11.29 7.83 5.35
C PHE B 240 10.76 9.20 4.93
N PHE B 241 10.07 9.91 5.82
CA PHE B 241 9.39 11.16 5.45
C PHE B 241 10.15 12.34 5.97
N ASN B 242 10.24 13.37 5.15
CA ASN B 242 10.34 14.72 5.66
C ASN B 242 8.92 15.20 5.73
N LEU B 243 8.65 15.93 6.78
CA LEU B 243 7.31 16.42 7.01
C LEU B 243 7.32 17.93 6.98
N SER B 244 6.27 18.51 6.43
CA SER B 244 6.14 19.92 6.52
C SER B 244 4.72 20.32 6.82
N VAL B 245 4.56 21.44 7.54
CA VAL B 245 3.25 22.04 7.70
C VAL B 245 2.84 22.87 6.48
N GLY B 246 1.71 22.60 5.88
CA GLY B 246 1.28 23.37 4.71
C GLY B 246 0.55 24.61 5.17
N PHE B 247 0.86 25.76 4.57
CA PHE B 247 0.10 26.98 4.79
C PHE B 247 -0.47 27.38 3.49
N PRO B 248 -1.66 26.87 3.15
CA PRO B 248 -2.33 27.17 1.84
C PRO B 248 -2.81 28.61 1.73
N MET B 249 -2.93 29.28 2.88
CA MET B 249 -3.44 30.63 2.92
C MET B 249 -2.26 31.65 2.88
N ASP B 250 -2.56 32.95 2.81
CA ASP B 250 -1.54 33.92 2.60
C ASP B 250 -0.64 34.07 3.84
N LYS B 251 0.65 34.27 3.59
CA LYS B 251 1.61 34.34 4.66
C LYS B 251 1.24 35.47 5.60
N LYS B 252 0.79 36.59 5.02
CA LYS B 252 0.36 37.80 5.76
C LYS B 252 -0.73 37.45 6.76
N GLU B 253 -1.71 36.69 6.30
CA GLU B 253 -2.85 36.32 7.12
C GLU B 253 -2.42 35.53 8.35
N ILE B 254 -1.41 34.69 8.19
CA ILE B 254 -0.99 33.88 9.28
C ILE B 254 -0.13 34.69 10.19
N LEU B 255 0.72 35.56 9.64
CA LEU B 255 1.49 36.50 10.50
C LEU B 255 0.57 37.33 11.43
N LYS B 256 -0.47 37.92 10.86
CA LYS B 256 -1.42 38.73 11.56
C LYS B 256 -2.05 37.97 12.71
N LEU B 257 -2.47 36.74 12.43
CA LEU B 257 -3.11 35.90 13.42
C LEU B 257 -2.16 35.71 14.57
N TYR B 258 -0.87 35.66 14.29
CA TYR B 258 0.07 35.29 15.32
C TYR B 258 0.32 36.51 16.17
N GLU B 259 0.28 37.65 15.50
CA GLU B 259 0.57 38.93 16.14
C GLU B 259 -0.59 39.36 16.98
N GLU B 260 -1.79 38.98 16.53
CA GLU B 260 -3.02 39.20 17.28
C GLU B 260 -3.32 38.13 18.30
N ASP B 261 -2.45 37.13 18.40
CA ASP B 261 -2.68 36.01 19.27
C ASP B 261 -4.01 35.34 19.03
N GLY B 262 -4.50 35.38 17.79
CA GLY B 262 -5.76 34.74 17.48
C GLY B 262 -5.80 33.21 17.41
N GLU B 263 -6.90 32.73 16.85
CA GLU B 263 -7.23 31.34 16.90
C GLU B 263 -7.49 30.87 15.50
N LEU B 264 -7.14 29.61 15.27
CA LEU B 264 -7.31 28.99 13.98
C LEU B 264 -8.31 27.85 14.16
N GLU B 265 -9.35 27.87 13.34
CA GLU B 265 -10.25 26.76 13.28
C GLU B 265 -9.69 25.55 12.52
N LEU B 266 -9.74 24.37 13.12
CA LEU B 266 -9.38 23.12 12.44
C LEU B 266 -10.67 22.54 11.85
N SER B 267 -10.76 22.31 10.55
CA SER B 267 -11.97 21.67 10.04
C SER B 267 -11.66 20.83 8.80
N HIS B 268 -12.61 20.03 8.35
CA HIS B 268 -12.42 19.30 7.13
C HIS B 268 -13.79 19.19 6.42
N PRO B 269 -13.84 19.46 5.13
CA PRO B 269 -15.15 19.45 4.39
C PRO B 269 -15.96 18.13 4.45
N ARG B 270 -15.33 17.03 4.88
CA ARG B 270 -15.97 15.69 4.95
C ARG B 270 -15.86 15.12 6.34
N SER B 271 -15.95 15.99 7.34
CA SER B 271 -15.97 15.58 8.72
C SER B 271 -16.79 16.57 9.53
N THR B 272 -17.24 16.13 10.69
CA THR B 272 -17.90 17.03 11.62
C THR B 272 -16.88 17.33 12.71
N ILE B 273 -15.73 16.63 12.68
CA ILE B 273 -14.65 16.93 13.65
C ILE B 273 -14.15 18.36 13.36
N ARG B 274 -14.17 19.19 14.41
CA ARG B 274 -13.77 20.61 14.33
C ARG B 274 -13.20 20.98 15.69
N LYS B 275 -12.20 21.88 15.72
CA LYS B 275 -11.60 22.34 16.97
C LYS B 275 -10.93 23.71 16.78
N LYS B 276 -10.86 24.49 17.86
CA LYS B 276 -10.20 25.79 17.86
C LYS B 276 -8.84 25.67 18.52
N VAL B 277 -7.81 26.28 17.91
CA VAL B 277 -6.49 26.29 18.57
C VAL B 277 -5.83 27.65 18.47
N LYS B 278 -5.10 27.99 19.51
CA LYS B 278 -4.23 29.16 19.51
C LYS B 278 -3.03 29.01 18.54
N ILE B 279 -3.01 29.82 17.49
CA ILE B 279 -1.95 29.76 16.48
C ILE B 279 -0.56 29.81 17.17
N ARG B 280 -0.45 30.55 18.24
CA ARG B 280 0.82 30.63 18.92
C ARG B 280 1.23 29.32 19.54
N GLU B 281 0.29 28.57 20.08
CA GLU B 281 0.68 27.39 20.82
C GLU B 281 1.05 26.31 19.84
N LEU B 282 0.35 26.31 18.72
CA LEU B 282 0.59 25.48 17.59
C LEU B 282 1.98 25.74 17.01
N PHE B 283 2.32 27.01 16.78
CA PHE B 283 3.62 27.38 16.21
C PHE B 283 4.76 26.99 17.11
N ARG B 284 4.50 27.09 18.40
CA ARG B 284 5.49 26.84 19.40
C ARG B 284 5.68 25.32 19.53
N LYS B 285 4.63 24.60 19.19
CA LYS B 285 4.71 23.16 19.17
C LYS B 285 5.50 22.77 17.92
N ILE B 286 5.11 23.23 16.74
CA ILE B 286 5.97 23.04 15.61
C ILE B 286 7.42 23.33 15.97
N ALA B 287 7.68 24.48 16.58
CA ALA B 287 9.04 24.96 16.83
C ALA B 287 9.78 24.11 17.85
N THR B 288 9.04 23.61 18.84
CA THR B 288 9.59 22.74 19.85
C THR B 288 10.17 21.47 19.20
N ASN B 289 9.41 20.90 18.26
CA ASN B 289 9.85 19.70 17.60
C ASN B 289 10.99 19.94 16.62
N ALA B 290 10.88 21.04 15.87
CA ALA B 290 11.96 21.41 15.00
C ALA B 290 13.22 21.61 15.83
N TRP B 291 13.05 22.19 17.02
CA TRP B 291 14.17 22.46 17.89
C TRP B 291 14.92 21.17 18.29
N LYS B 292 14.16 20.11 18.56
CA LYS B 292 14.66 18.79 18.95
C LYS B 292 15.25 18.01 17.78
N SER B 293 14.48 17.99 16.68
CA SER B 293 14.64 16.96 15.67
C SER B 293 14.84 17.48 14.24
N GLY B 294 14.49 18.74 13.96
CA GLY B 294 14.50 19.28 12.60
C GLY B 294 13.19 19.13 11.87
N ASP B 295 12.26 18.32 12.35
CA ASP B 295 10.94 18.23 11.69
C ASP B 295 9.83 18.79 12.60
N PRO B 296 8.75 19.32 12.03
CA PRO B 296 8.47 19.54 10.59
C PRO B 296 8.94 20.91 10.09
N GLY B 297 9.14 21.03 8.80
CA GLY B 297 9.44 22.33 8.21
C GLY B 297 8.12 23.00 7.89
N LEU B 298 8.19 24.16 7.26
CA LEU B 298 7.01 24.95 6.93
C LEU B 298 6.97 25.06 5.42
N ALA B 299 5.81 24.82 4.84
CA ALA B 299 5.64 24.92 3.41
C ALA B 299 4.59 25.98 3.11
N PHE B 300 5.02 27.10 2.57
CA PHE B 300 4.12 28.21 2.30
C PHE B 300 3.48 27.99 0.92
N LEU B 301 2.55 27.05 0.93
CA LEU B 301 1.76 26.71 -0.25
C LEU B 301 1.11 27.90 -0.89
N GLY B 302 0.47 28.75 -0.07
CA GLY B 302 -0.23 29.93 -0.54
C GLY B 302 0.67 30.88 -1.32
N GLU B 303 1.87 31.06 -0.80
CA GLU B 303 2.84 31.87 -1.45
C GLU B 303 3.39 31.18 -2.75
N MET B 304 3.33 29.85 -2.86
CA MET B 304 3.73 29.19 -4.07
C MET B 304 2.63 29.44 -5.12
N ASN B 305 1.38 29.41 -4.67
CA ASN B 305 0.30 29.65 -5.62
C ASN B 305 0.25 31.07 -6.12
N LYS B 306 0.64 32.01 -5.27
CA LYS B 306 0.73 33.39 -5.66
C LYS B 306 1.58 33.61 -6.94
N TYR B 307 2.55 32.73 -7.18
CA TYR B 307 3.51 32.97 -8.24
C TYR B 307 3.40 31.89 -9.21
N TYR B 308 2.39 31.05 -9.02
CA TYR B 308 2.11 29.94 -9.89
C TYR B 308 1.31 30.39 -11.09
N PRO B 309 1.93 30.37 -12.28
CA PRO B 309 1.23 30.86 -13.47
C PRO B 309 -0.08 30.14 -13.77
N LEU B 310 -0.33 29.01 -13.13
CA LEU B 310 -1.50 28.23 -13.54
C LEU B 310 -2.60 28.27 -12.49
N TYR B 311 -2.29 28.86 -11.32
CA TYR B 311 -3.27 29.17 -10.27
C TYR B 311 -4.35 30.16 -10.80
N PRO B 312 -5.64 29.97 -10.44
CA PRO B 312 -6.23 28.93 -9.57
C PRO B 312 -6.74 27.73 -10.32
N HIS B 313 -6.56 27.72 -11.64
CA HIS B 313 -6.98 26.56 -12.39
C HIS B 313 -6.18 25.32 -12.05
N ARG B 314 -4.84 25.38 -12.05
CA ARG B 314 -4.10 24.32 -11.34
C ARG B 314 -3.63 24.86 -10.01
N LYS B 315 -3.31 23.96 -9.09
CA LYS B 315 -2.94 24.33 -7.75
C LYS B 315 -1.75 23.54 -7.21
N ILE B 316 -0.90 24.20 -6.43
CA ILE B 316 0.20 23.56 -5.73
C ILE B 316 -0.07 23.18 -4.27
N ASN B 317 -0.02 21.88 -4.01
CA ASN B 317 -0.36 21.35 -2.72
C ASN B 317 0.85 20.70 -2.13
N SER B 318 1.83 20.33 -2.92
CA SER B 318 3.01 19.78 -2.28
C SER B 318 4.27 20.20 -2.98
N THR B 319 5.37 19.93 -2.32
CA THR B 319 6.66 20.01 -2.95
C THR B 319 7.19 18.61 -3.09
N ASN B 320 8.37 18.48 -3.66
CA ASN B 320 9.10 17.24 -3.68
C ASN B 320 9.86 17.12 -2.32
N PRO B 321 10.52 15.97 -2.01
CA PRO B 321 11.26 15.77 -0.73
C PRO B 321 12.08 16.93 -0.17
N CYS B 322 12.83 17.67 -0.97
CA CYS B 322 13.64 18.69 -0.30
C CYS B 322 13.03 20.07 -0.38
N GLY B 323 11.83 20.13 -0.95
CA GLY B 323 11.00 21.28 -0.92
C GLY B 323 11.28 22.31 -1.98
N GLU B 324 12.26 22.07 -2.85
CA GLU B 324 12.68 23.13 -3.77
C GLU B 324 11.81 23.33 -4.98
N ILE B 325 10.89 22.40 -5.27
CA ILE B 325 9.93 22.58 -6.40
C ILE B 325 8.49 22.41 -5.91
N GLY B 326 7.65 23.42 -5.97
CA GLY B 326 6.26 23.18 -5.66
C GLY B 326 5.59 22.66 -6.91
N LEU B 327 4.80 21.60 -6.81
CA LEU B 327 4.28 20.99 -8.03
C LEU B 327 2.81 20.79 -7.91
N SER B 328 2.11 20.90 -9.04
CA SER B 328 0.73 20.42 -9.14
C SER B 328 0.63 18.90 -9.31
N ASP B 329 -0.55 18.37 -9.07
CA ASP B 329 -0.84 16.96 -9.13
C ASP B 329 -0.28 16.30 -10.38
N TYR B 330 0.52 15.25 -10.16
CA TYR B 330 1.12 14.39 -11.22
C TYR B 330 2.22 15.09 -11.97
N GLU B 331 2.55 16.31 -11.53
CA GLU B 331 3.66 17.02 -12.19
C GLU B 331 5.03 16.50 -11.73
N ALA B 332 5.97 16.49 -12.66
CA ALA B 332 7.33 16.10 -12.38
C ALA B 332 8.25 17.24 -12.84
N CYS B 333 9.46 17.26 -12.31
CA CYS B 333 10.36 18.30 -12.73
C CYS B 333 11.79 17.79 -12.73
N ASN B 334 12.50 18.06 -13.83
CA ASN B 334 13.93 17.73 -13.87
C ASN B 334 14.85 18.92 -13.57
N LEU B 335 15.92 18.66 -12.81
CA LEU B 335 16.74 19.71 -12.28
C LEU B 335 18.09 19.72 -12.93
N GLY B 336 18.78 20.85 -12.86
CA GLY B 336 20.15 20.92 -13.29
C GLY B 336 20.77 22.17 -12.64
N SER B 337 22.08 22.11 -12.40
CA SER B 337 22.75 23.20 -11.73
C SER B 337 24.02 23.74 -12.43
N ILE B 338 24.19 25.07 -12.43
CA ILE B 338 25.43 25.68 -12.89
C ILE B 338 26.47 25.89 -11.72
N ASP B 339 27.73 25.54 -11.97
CA ASP B 339 28.72 25.76 -10.96
C ASP B 339 29.23 27.16 -11.05
N VAL B 340 28.62 28.05 -10.29
CA VAL B 340 29.02 29.43 -10.48
C VAL B 340 30.45 29.76 -10.10
N ALA B 341 31.10 29.00 -9.18
CA ALA B 341 32.54 29.25 -8.86
C ALA B 341 33.47 29.13 -10.05
N LYS B 342 33.08 28.35 -11.06
CA LYS B 342 33.95 28.21 -12.24
C LYS B 342 33.86 29.49 -13.10
N PHE B 343 32.98 30.41 -12.73
CA PHE B 343 32.77 31.65 -13.49
C PHE B 343 33.52 32.83 -12.89
N TYR B 344 34.37 32.57 -11.88
CA TYR B 344 35.13 33.63 -11.27
C TYR B 344 36.28 34.06 -12.22
N ASN B 345 36.46 35.37 -12.41
CA ASN B 345 37.47 35.94 -13.29
C ASN B 345 37.94 37.32 -12.85
N ASN B 346 39.15 37.38 -12.29
CA ASN B 346 39.79 38.61 -11.81
C ASN B 346 38.94 39.56 -11.02
N GLY B 347 38.31 39.08 -9.95
CA GLY B 347 37.45 39.94 -9.14
C GLY B 347 35.98 39.90 -9.51
N PHE B 348 35.62 39.24 -10.63
CA PHE B 348 34.25 39.27 -11.13
C PHE B 348 33.68 37.93 -11.56
N VAL B 349 32.37 37.94 -11.78
CA VAL B 349 31.64 36.85 -12.37
C VAL B 349 31.64 37.14 -13.87
N ASP B 350 32.11 36.19 -14.66
CA ASP B 350 32.13 36.36 -16.07
C ASP B 350 30.72 36.28 -16.68
N LEU B 351 30.05 37.41 -16.73
CA LEU B 351 28.63 37.42 -17.07
C LEU B 351 28.39 37.11 -18.54
N GLU B 352 29.42 37.29 -19.35
CA GLU B 352 29.31 36.94 -20.75
C GLU B 352 29.12 35.43 -20.91
N ALA B 353 30.10 34.70 -20.44
CA ALA B 353 30.09 33.25 -20.38
C ALA B 353 28.86 32.68 -19.67
N LEU B 354 28.49 33.29 -18.55
CA LEU B 354 27.36 32.80 -17.80
C LEU B 354 26.07 32.81 -18.58
N GLN B 355 25.81 33.91 -19.25
CA GLN B 355 24.63 34.04 -20.08
C GLN B 355 24.51 32.96 -21.19
N GLU B 356 25.63 32.62 -21.82
CA GLU B 356 25.62 31.55 -22.82
C GLU B 356 25.29 30.20 -22.19
N LEU B 357 25.98 29.84 -21.11
CA LEU B 357 25.61 28.60 -20.40
C LEU B 357 24.16 28.65 -19.98
N VAL B 358 23.65 29.78 -19.56
CA VAL B 358 22.28 29.75 -19.09
C VAL B 358 21.32 29.40 -20.24
N GLN B 359 21.65 29.85 -21.44
CA GLN B 359 20.83 29.57 -22.60
C GLN B 359 20.95 28.08 -22.95
N ILE B 360 22.15 27.54 -22.80
CA ILE B 360 22.37 26.14 -23.07
C ILE B 360 21.69 25.29 -22.01
N ALA B 361 21.91 25.63 -20.74
CA ALA B 361 21.35 24.87 -19.64
C ALA B 361 19.84 24.76 -19.76
N VAL B 362 19.17 25.87 -20.07
CA VAL B 362 17.71 25.82 -20.36
C VAL B 362 17.30 24.88 -21.52
N ARG B 363 18.00 24.95 -22.63
CA ARG B 363 17.64 24.05 -23.73
C ARG B 363 17.86 22.58 -23.33
N PHE B 364 19.02 22.32 -22.71
CA PHE B 364 19.34 21.00 -22.17
C PHE B 364 18.20 20.48 -21.28
N LEU B 365 17.89 21.19 -20.21
CA LEU B 365 16.81 20.78 -19.34
C LEU B 365 15.51 20.65 -20.12
N ASP B 366 15.28 21.50 -21.11
CA ASP B 366 14.00 21.41 -21.76
C ASP B 366 13.95 20.18 -22.69
N ASN B 367 15.04 19.88 -23.38
CA ASN B 367 15.18 18.60 -24.06
C ASN B 367 15.03 17.31 -23.24
N VAL B 368 15.32 17.42 -21.93
CA VAL B 368 15.32 16.23 -21.08
C VAL B 368 13.88 15.72 -21.04
N ILE B 369 12.95 16.63 -21.03
CA ILE B 369 11.52 16.27 -21.07
C ILE B 369 11.22 15.32 -22.18
N ASP B 370 11.60 15.66 -23.41
CA ASP B 370 11.26 14.87 -24.60
C ASP B 370 11.92 13.49 -24.68
N VAL B 371 12.94 13.23 -23.86
CA VAL B 371 13.56 11.92 -23.90
C VAL B 371 13.41 11.16 -22.59
N ASN B 372 12.96 11.90 -21.57
CA ASN B 372 12.38 11.32 -20.34
C ASN B 372 11.22 10.32 -20.57
N VAL B 373 11.31 9.15 -19.94
CA VAL B 373 10.15 8.22 -19.84
C VAL B 373 9.58 8.09 -18.41
N PHE B 374 8.28 8.32 -18.25
CA PHE B 374 7.65 8.23 -16.92
C PHE B 374 6.88 6.95 -16.73
N PRO B 375 6.76 6.51 -15.46
CA PRO B 375 6.10 5.25 -15.21
C PRO B 375 4.62 5.35 -15.02
N ILE B 376 4.00 6.49 -15.30
CA ILE B 376 2.56 6.66 -15.14
C ILE B 376 2.14 7.69 -16.18
N ASP B 377 1.11 7.40 -16.95
CA ASP B 377 0.79 8.22 -18.11
C ASP B 377 0.31 9.64 -17.79
N LYS B 378 -0.25 9.84 -16.61
CA LYS B 378 -0.76 11.16 -16.23
C LYS B 378 0.38 12.14 -15.84
N ILE B 379 1.53 11.59 -15.47
CA ILE B 379 2.71 12.40 -15.33
C ILE B 379 3.25 12.81 -16.69
N THR B 380 3.36 11.83 -17.59
CA THR B 380 3.73 12.12 -18.98
C THR B 380 2.92 13.29 -19.48
N LYS B 381 1.64 13.29 -19.13
CA LYS B 381 0.71 14.31 -19.56
C LYS B 381 0.87 15.66 -18.81
N ALA B 382 0.83 15.65 -17.49
CA ALA B 382 1.18 16.87 -16.77
C ALA B 382 2.59 17.46 -17.11
N VAL B 383 3.56 16.63 -17.52
CA VAL B 383 4.83 17.21 -17.85
C VAL B 383 4.82 17.84 -19.23
N LYS B 384 4.25 17.14 -20.20
CA LYS B 384 4.12 17.64 -21.60
C LYS B 384 3.38 18.98 -21.62
N GLU B 385 2.39 19.08 -20.75
CA GLU B 385 1.50 20.23 -20.72
C GLU B 385 2.13 21.45 -20.07
N SER B 386 2.91 21.26 -19.00
CA SER B 386 3.59 22.41 -18.35
C SER B 386 5.05 22.65 -18.73
N ARG B 387 5.82 21.57 -18.96
CA ARG B 387 7.27 21.68 -19.19
C ARG B 387 8.02 22.56 -18.14
N ARG B 388 7.69 22.40 -16.87
CA ARG B 388 8.43 23.07 -15.77
C ARG B 388 9.90 22.64 -15.71
N LEU B 389 10.85 23.56 -15.65
CA LEU B 389 12.28 23.23 -15.39
C LEU B 389 12.73 23.76 -14.06
N GLY B 390 13.88 23.27 -13.59
CA GLY B 390 14.54 23.63 -12.34
C GLY B 390 16.03 23.86 -12.57
N LEU B 391 16.33 24.91 -13.30
CA LEU B 391 17.68 25.35 -13.45
C LEU B 391 18.12 26.02 -12.19
N GLY B 392 19.19 25.54 -11.55
CA GLY B 392 19.73 26.24 -10.38
C GLY B 392 21.24 26.48 -10.35
N ILE B 393 21.75 26.86 -9.18
CA ILE B 393 23.18 27.08 -9.01
C ILE B 393 23.79 26.20 -7.91
N MET B 394 25.09 25.95 -8.05
CA MET B 394 25.92 25.39 -6.96
C MET B 394 27.18 26.21 -6.94
N GLY B 395 28.08 25.94 -5.99
CA GLY B 395 29.36 26.67 -5.91
C GLY B 395 29.25 28.10 -5.49
N PHE B 396 28.04 28.56 -5.18
CA PHE B 396 27.87 29.91 -4.66
C PHE B 396 28.84 30.23 -3.49
N ALA B 397 28.90 29.46 -2.42
CA ALA B 397 29.83 29.80 -1.33
C ALA B 397 31.31 29.90 -1.71
N ASP B 398 31.74 29.04 -2.63
CA ASP B 398 33.11 29.02 -3.04
C ASP B 398 33.42 30.25 -3.87
N LEU B 399 32.41 30.67 -4.62
CA LEU B 399 32.46 31.88 -5.40
C LEU B 399 32.71 33.09 -4.49
N LEU B 400 31.94 33.16 -3.40
CA LEU B 400 32.07 34.26 -2.43
C LEU B 400 33.50 34.29 -1.83
N TYR B 401 34.04 33.12 -1.50
CA TYR B 401 35.41 33.04 -1.04
C TYR B 401 36.34 33.73 -2.04
N LYS B 402 36.17 33.43 -3.32
CA LYS B 402 37.11 33.94 -4.33
C LYS B 402 36.93 35.41 -4.46
N LEU B 403 35.69 35.85 -4.22
CA LEU B 403 35.34 37.26 -4.33
C LEU B 403 35.70 38.03 -3.03
N GLU B 404 36.09 37.31 -1.98
CA GLU B 404 36.49 37.88 -0.67
C GLU B 404 35.32 38.61 -0.04
N ILE B 405 34.18 37.96 -0.18
CA ILE B 405 32.93 38.46 0.34
C ILE B 405 32.42 37.54 1.46
N PRO B 406 32.20 38.08 2.67
CA PRO B 406 31.68 37.19 3.73
C PRO B 406 30.22 36.81 3.47
N TYR B 407 29.90 35.53 3.66
CA TYR B 407 28.55 35.04 3.46
C TYR B 407 27.52 35.76 4.36
N ASN B 408 27.94 36.10 5.57
CA ASN B 408 27.04 36.79 6.47
C ASN B 408 27.22 38.31 6.38
N SER B 409 26.84 38.89 5.23
CA SER B 409 26.85 40.32 5.10
C SER B 409 25.84 40.80 4.03
N GLN B 410 25.48 42.05 4.12
CA GLN B 410 24.51 42.54 3.22
C GLN B 410 25.19 42.50 1.83
N GLU B 411 26.54 42.47 1.83
CA GLU B 411 27.25 42.57 0.55
C GLU B 411 26.98 41.31 -0.25
N ALA B 412 27.18 40.16 0.42
CA ALA B 412 26.83 38.87 -0.15
C ALA B 412 25.37 38.76 -0.66
N ARG B 413 24.41 39.40 -0.02
CA ARG B 413 23.01 39.11 -0.29
C ARG B 413 22.58 39.92 -1.50
N ASP B 414 23.12 41.14 -1.61
CA ASP B 414 22.93 42.01 -2.76
C ASP B 414 23.61 41.38 -3.97
N PHE B 415 24.79 40.83 -3.71
CA PHE B 415 25.50 40.12 -4.76
C PHE B 415 24.64 38.97 -5.24
N ALA B 416 24.08 38.20 -4.28
CA ALA B 416 23.22 37.04 -4.58
C ALA B 416 22.00 37.36 -5.38
N ALA B 417 21.32 38.43 -5.03
CA ALA B 417 20.13 38.83 -5.73
C ALA B 417 20.47 39.20 -7.16
N ASN B 418 21.56 39.95 -7.39
CA ASN B 418 21.93 40.36 -8.75
C ASN B 418 22.31 39.20 -9.59
N LEU B 419 23.14 38.35 -8.98
CA LEU B 419 23.57 37.10 -9.59
C LEU B 419 22.40 36.29 -10.04
N MET B 420 21.42 36.08 -9.15
CA MET B 420 20.24 35.21 -9.43
C MET B 420 19.26 35.88 -10.39
N ALA B 421 19.09 37.18 -10.23
CA ALA B 421 18.34 38.05 -11.15
C ALA B 421 18.86 37.97 -12.59
N PHE B 422 20.17 37.99 -12.75
CA PHE B 422 20.76 37.87 -14.08
C PHE B 422 20.43 36.51 -14.68
N ILE B 423 20.70 35.44 -13.92
CA ILE B 423 20.31 34.11 -14.35
C ILE B 423 18.81 34.09 -14.66
N ALA B 424 17.94 34.65 -13.79
CA ALA B 424 16.48 34.53 -14.06
C ALA B 424 16.17 35.14 -15.43
N LEU B 425 16.56 36.40 -15.56
CA LEU B 425 16.49 37.13 -16.77
C LEU B 425 16.72 36.28 -18.01
N HIS B 426 17.91 35.71 -18.10
CA HIS B 426 18.33 35.11 -19.34
C HIS B 426 17.66 33.78 -19.55
N ALA B 427 17.22 33.17 -18.45
CA ALA B 427 16.55 31.90 -18.54
C ALA B 427 15.13 32.06 -19.13
N HIS B 428 14.39 33.03 -18.65
CA HIS B 428 13.08 33.23 -19.14
C HIS B 428 13.18 33.68 -20.59
N ARG B 429 14.23 34.43 -20.87
CA ARG B 429 14.49 34.84 -22.24
C ARG B 429 14.80 33.69 -23.16
N THR B 430 15.59 32.71 -22.69
CA THR B 430 15.71 31.44 -23.42
C THR B 430 14.36 30.74 -23.58
N SER B 431 13.45 30.93 -22.65
CA SER B 431 12.19 30.17 -22.74
C SER B 431 11.25 30.67 -23.86
N TYR B 432 11.25 31.99 -24.02
CA TYR B 432 10.63 32.69 -25.11
C TYR B 432 11.16 32.14 -26.44
N GLU B 433 12.47 32.08 -26.55
CA GLU B 433 13.12 31.66 -27.77
C GLU B 433 12.78 30.25 -28.14
N LEU B 434 12.73 29.34 -27.17
CA LEU B 434 12.33 27.96 -27.46
C LEU B 434 10.84 27.88 -27.76
N GLY B 435 10.07 28.77 -27.14
CA GLY B 435 8.64 28.89 -27.45
C GLY B 435 8.40 29.18 -28.95
N LYS B 436 9.21 30.11 -29.45
CA LYS B 436 9.15 30.60 -30.79
C LYS B 436 9.68 29.54 -31.73
N GLU B 437 10.83 28.95 -31.37
CA GLU B 437 11.48 27.87 -32.17
C GLU B 437 10.72 26.53 -32.22
N LYS B 438 10.01 26.16 -31.13
CA LYS B 438 9.43 24.80 -30.98
C LYS B 438 7.99 24.75 -30.54
N GLY B 439 7.44 25.85 -30.08
CA GLY B 439 6.08 25.77 -29.61
C GLY B 439 5.98 25.97 -28.12
N ASN B 440 4.97 26.76 -27.75
CA ASN B 440 4.67 27.07 -26.38
C ASN B 440 4.24 25.87 -25.53
N PHE B 441 4.35 26.00 -24.19
CA PHE B 441 3.97 24.88 -23.35
C PHE B 441 2.47 24.79 -23.51
N PRO B 442 1.96 23.61 -23.86
CA PRO B 442 0.52 23.53 -24.13
C PRO B 442 -0.38 24.50 -23.37
N LEU B 443 -0.20 24.73 -22.07
CA LEU B 443 -1.15 25.61 -21.35
C LEU B 443 -0.73 27.11 -21.20
N LEU B 444 0.18 27.56 -22.04
CA LEU B 444 0.45 29.00 -22.14
C LEU B 444 -0.87 29.85 -22.24
N GLU B 445 -1.75 29.47 -23.17
CA GLU B 445 -2.98 30.21 -23.47
C GLU B 445 -3.85 30.50 -22.21
N ILE B 446 -3.82 29.63 -21.22
CA ILE B 446 -4.68 29.77 -20.04
C ILE B 446 -3.92 30.07 -18.72
N SER B 447 -2.69 30.58 -18.84
CA SER B 447 -1.89 30.93 -17.69
C SER B 447 -1.82 32.45 -17.56
N ARG B 448 -1.40 32.87 -16.36
CA ARG B 448 -1.29 34.28 -16.06
C ARG B 448 -0.21 35.02 -16.81
N TYR B 449 0.62 34.35 -17.59
CA TYR B 449 1.51 35.07 -18.49
C TYR B 449 0.74 35.65 -19.70
N ARG B 450 -0.50 35.20 -19.87
CA ARG B 450 -1.31 35.54 -21.02
C ARG B 450 -2.54 36.36 -20.64
N THR B 451 -3.24 35.87 -19.61
CA THR B 451 -4.53 36.35 -19.18
C THR B 451 -4.44 37.51 -18.19
N GLU B 452 -3.28 38.13 -18.05
CA GLU B 452 -3.05 39.09 -16.95
C GLU B 452 -1.87 39.94 -17.31
N ASP B 453 -1.86 41.16 -16.80
CA ASP B 453 -0.80 42.07 -17.18
C ASP B 453 0.15 42.13 -16.03
N ASN B 454 1.43 42.27 -16.37
CA ASN B 454 2.47 42.49 -15.36
C ASN B 454 2.76 41.31 -14.42
N PHE B 455 2.13 40.15 -14.68
CA PHE B 455 2.35 39.01 -13.82
C PHE B 455 3.83 38.66 -13.79
N VAL B 456 4.36 38.50 -12.60
CA VAL B 456 5.75 38.08 -12.45
C VAL B 456 5.82 36.92 -11.49
N PRO B 457 6.54 35.83 -11.85
CA PRO B 457 6.47 34.73 -10.89
C PRO B 457 7.58 34.71 -9.80
N PHE B 458 8.03 35.87 -9.34
CA PHE B 458 8.81 35.93 -8.08
C PHE B 458 8.70 37.38 -7.67
N ALA B 459 9.01 37.67 -6.42
CA ALA B 459 8.80 38.98 -5.83
C ALA B 459 9.81 40.04 -6.26
N MET B 460 10.98 39.67 -6.78
CA MET B 460 11.94 40.68 -7.24
C MET B 460 12.24 41.65 -6.11
N GLY B 461 12.74 42.86 -6.44
CA GLY B 461 12.86 43.93 -5.42
C GLY B 461 14.23 44.12 -4.78
N MET B 462 15.28 43.46 -5.29
CA MET B 462 16.64 43.64 -4.83
C MET B 462 17.61 43.56 -5.99
N SER B 463 17.20 43.99 -7.18
CA SER B 463 18.17 44.11 -8.27
C SER B 463 17.90 45.19 -9.30
N ASN B 464 18.98 45.72 -9.87
CA ASN B 464 18.84 46.63 -11.01
C ASN B 464 18.27 45.97 -12.28
N TYR B 465 17.92 44.68 -12.22
CA TYR B 465 17.57 43.97 -13.44
C TYR B 465 16.04 43.83 -13.53
N ASP B 466 15.31 44.39 -12.57
CA ASP B 466 13.91 44.11 -12.42
C ASP B 466 13.12 44.49 -13.65
N ASP B 467 13.42 45.69 -14.15
CA ASP B 467 12.72 46.25 -15.28
C ASP B 467 12.86 45.36 -16.45
N GLU B 468 14.09 45.05 -16.78
CA GLU B 468 14.36 44.08 -17.81
C GLU B 468 13.58 42.77 -17.60
N ILE B 469 13.49 42.30 -16.36
CA ILE B 469 12.70 41.08 -16.15
C ILE B 469 11.22 41.31 -16.43
N ARG B 470 10.68 42.44 -16.01
CA ARG B 470 9.31 42.76 -16.33
C ARG B 470 9.01 42.64 -17.81
N GLU B 471 9.86 43.15 -18.68
CA GLU B 471 9.47 43.08 -20.08
C GLU B 471 9.68 41.75 -20.73
N VAL B 472 10.69 40.99 -20.30
CA VAL B 472 10.80 39.61 -20.79
C VAL B 472 9.54 38.86 -20.40
N MET B 473 9.01 39.13 -19.23
CA MET B 473 7.77 38.49 -18.87
C MET B 473 6.63 38.93 -19.78
N LYS B 474 6.66 40.19 -20.23
CA LYS B 474 5.59 40.70 -21.10
C LYS B 474 5.65 40.01 -22.43
N MET B 475 6.87 39.91 -22.99
CA MET B 475 7.12 39.27 -24.28
C MET B 475 6.63 37.84 -24.28
N THR B 476 6.71 37.24 -23.10
CA THR B 476 6.47 35.83 -22.88
C THR B 476 4.98 35.55 -22.94
N LYS B 477 4.19 36.61 -23.05
CA LYS B 477 2.80 36.54 -23.49
C LYS B 477 2.61 35.75 -24.80
N GLU B 478 3.49 35.93 -25.77
CA GLU B 478 3.35 35.26 -27.09
C GLU B 478 4.09 33.93 -27.14
N PHE B 479 5.34 33.93 -26.71
CA PHE B 479 6.13 32.72 -26.80
C PHE B 479 6.66 32.29 -25.45
N ARG B 480 6.45 31.03 -25.12
CA ARG B 480 7.04 30.54 -23.87
C ARG B 480 7.02 29.03 -23.85
N ARG B 481 8.22 28.49 -23.66
CA ARG B 481 8.39 27.04 -23.70
C ARG B 481 8.07 26.37 -22.36
N ASN B 482 8.01 27.15 -21.27
CA ASN B 482 8.02 26.58 -19.91
C ASN B 482 7.20 27.44 -19.00
N VAL B 483 6.44 26.79 -18.13
CA VAL B 483 5.71 27.49 -17.13
C VAL B 483 6.62 28.07 -16.04
N ALA B 484 7.82 27.50 -15.87
CA ALA B 484 8.78 27.91 -14.83
C ALA B 484 10.12 27.25 -15.10
N LEU B 485 11.20 27.93 -14.76
CA LEU B 485 12.53 27.53 -15.14
C LEU B 485 13.57 27.32 -14.03
N LEU B 486 13.37 27.88 -12.81
CA LEU B 486 14.46 28.04 -11.81
C LEU B 486 14.23 27.40 -10.45
N THR B 487 15.30 26.92 -9.83
CA THR B 487 15.23 26.48 -8.46
C THR B 487 16.59 26.65 -7.82
N ILE B 488 16.79 26.26 -6.57
CA ILE B 488 18.15 26.01 -6.04
C ILE B 488 17.98 24.71 -5.30
N ALA B 489 18.68 23.70 -5.79
CA ALA B 489 18.49 22.35 -5.30
C ALA B 489 19.53 22.13 -4.17
N PRO B 490 19.36 21.07 -3.38
CA PRO B 490 20.50 20.81 -2.46
C PRO B 490 21.83 20.52 -3.16
N THR B 491 21.76 19.92 -4.34
CA THR B 491 22.97 19.47 -5.09
C THR B 491 23.94 18.56 -4.29
N GLY B 492 23.42 17.75 -3.36
CA GLY B 492 24.23 16.87 -2.52
C GLY B 492 25.27 16.06 -3.28
N SER B 493 24.90 15.34 -4.34
CA SER B 493 25.87 14.59 -5.14
C SER B 493 26.55 15.30 -6.33
N ILE B 494 25.83 16.16 -7.06
CA ILE B 494 26.43 16.78 -8.24
C ILE B 494 27.46 17.82 -7.87
N SER B 495 27.31 18.47 -6.74
CA SER B 495 28.31 19.40 -6.31
C SER B 495 29.61 18.65 -5.88
N ASN B 496 29.47 17.40 -5.39
CA ASN B 496 30.65 16.56 -5.27
C ASN B 496 31.28 16.15 -6.60
N ILE B 497 30.44 15.71 -7.54
CA ILE B 497 30.94 15.43 -8.86
C ILE B 497 31.71 16.60 -9.34
N ALA B 498 31.21 17.81 -9.06
CA ALA B 498 31.86 19.04 -9.57
C ALA B 498 32.98 19.65 -8.73
N ASP B 499 33.30 19.06 -7.56
CA ASP B 499 34.32 19.62 -6.66
C ASP B 499 34.03 21.07 -6.27
N THR B 500 32.78 21.35 -5.88
CA THR B 500 32.39 22.74 -5.57
C THR B 500 31.47 22.71 -4.37
N SER B 501 31.12 23.87 -3.83
CA SER B 501 30.08 23.91 -2.80
C SER B 501 28.63 23.75 -3.32
N SER B 502 27.80 23.36 -2.36
CA SER B 502 26.48 22.90 -2.56
C SER B 502 25.51 23.99 -2.63
N GLY B 503 24.64 23.94 -3.68
CA GLY B 503 23.55 24.90 -3.83
C GLY B 503 23.96 26.30 -3.47
N LEU B 504 23.10 26.99 -2.70
CA LEU B 504 23.49 28.30 -2.13
C LEU B 504 24.11 28.16 -0.69
N GLU B 505 24.18 26.95 -0.19
CA GLU B 505 24.65 26.71 1.16
C GLU B 505 26.08 27.24 1.39
N PRO B 506 26.34 27.88 2.54
CA PRO B 506 27.79 28.03 2.87
C PRO B 506 28.45 26.67 3.00
N ASN B 507 29.74 26.60 2.82
CA ASN B 507 30.44 25.38 3.24
C ASN B 507 30.17 25.09 4.68
N PHE B 508 29.95 23.81 4.96
CA PHE B 508 29.63 23.43 6.26
C PHE B 508 30.93 23.43 7.06
N LEU B 509 31.98 22.87 6.46
CA LEU B 509 33.29 22.86 7.09
C LEU B 509 34.33 23.19 6.03
N LEU B 510 35.47 23.75 6.46
CA LEU B 510 36.55 24.04 5.56
C LEU B 510 37.49 22.85 5.35
N ALA B 511 37.68 22.07 6.41
CA ALA B 511 38.42 20.83 6.32
C ALA B 511 37.63 19.83 7.15
N TYR B 512 37.53 18.59 6.65
CA TYR B 512 36.64 17.57 7.21
C TYR B 512 36.92 16.26 6.52
N THR B 513 36.71 15.15 7.21
CA THR B 513 36.84 13.81 6.64
C THR B 513 35.44 13.21 6.53
N ARG B 514 34.99 12.88 5.31
CA ARG B 514 33.71 12.18 5.13
C ARG B 514 33.87 10.95 4.23
N PHE B 515 33.04 9.91 4.43
CA PHE B 515 33.40 8.54 4.00
C PHE B 515 33.07 8.08 2.58
N LEU B 526 37.35 9.72 2.83
CA LEU B 526 38.29 10.52 3.65
C LEU B 526 38.39 12.07 3.37
N LEU B 527 39.60 12.60 3.61
CA LEU B 527 39.96 14.03 3.76
C LEU B 527 39.62 15.03 2.57
N TYR B 528 38.99 16.18 2.89
CA TYR B 528 38.93 17.37 1.99
C TYR B 528 39.88 18.45 2.51
N VAL B 529 39.44 19.69 2.40
CA VAL B 529 40.19 20.93 2.72
C VAL B 529 39.84 21.84 1.57
N ASN B 530 39.28 22.98 1.93
CA ASN B 530 38.74 23.84 0.92
C ASN B 530 39.82 24.41 0.00
N GLN B 531 39.55 24.19 -1.29
CA GLN B 531 40.46 24.46 -2.35
C GLN B 531 40.72 25.97 -2.45
N VAL B 532 39.71 26.79 -2.26
CA VAL B 532 39.97 28.23 -2.30
C VAL B 532 40.77 28.63 -1.07
N LEU B 533 40.46 28.06 0.08
CA LEU B 533 41.25 28.32 1.27
C LEU B 533 42.68 27.88 1.05
N ARG B 534 42.90 26.66 0.54
CA ARG B 534 44.24 26.21 0.15
C ARG B 534 44.90 27.32 -0.67
N GLU B 535 44.14 27.92 -1.59
CA GLU B 535 44.71 28.91 -2.50
C GLU B 535 44.96 30.30 -1.91
N LYS B 536 44.08 30.82 -1.06
CA LYS B 536 44.31 32.15 -0.48
C LYS B 536 45.00 32.19 0.90
N LEU B 537 45.23 31.05 1.52
CA LEU B 537 45.82 31.05 2.85
C LEU B 537 47.34 30.87 2.78
N ASN B 538 48.05 31.53 3.69
CA ASN B 538 49.48 31.36 3.78
C ASN B 538 49.81 29.90 4.17
N PRO B 539 50.46 29.14 3.25
CA PRO B 539 50.82 27.72 3.55
C PRO B 539 51.88 27.67 4.65
N GLU B 540 52.04 26.50 5.29
CA GLU B 540 52.79 26.39 6.56
C GLU B 540 51.99 26.98 7.74
N ILE B 541 51.52 28.21 7.63
CA ILE B 541 50.55 28.64 8.64
C ILE B 541 49.12 28.20 8.28
N LEU B 542 49.01 27.34 7.27
CA LEU B 542 47.88 26.47 7.10
C LEU B 542 48.24 25.19 7.82
N LYS B 543 49.34 24.54 7.38
CA LYS B 543 49.90 23.35 8.06
C LYS B 543 49.82 23.49 9.58
N ARG B 544 50.30 24.61 10.11
CA ARG B 544 50.25 24.85 11.56
C ARG B 544 48.83 24.75 12.11
N ILE B 545 47.93 25.63 11.65
CA ILE B 545 46.58 25.75 12.22
C ILE B 545 45.68 24.57 11.86
N GLU B 546 45.99 23.93 10.74
CA GLU B 546 45.17 22.87 10.16
C GLU B 546 44.58 21.85 11.14
N LYS B 547 45.34 21.53 12.18
CA LYS B 547 44.89 20.59 13.19
C LYS B 547 43.67 21.17 13.91
N GLU B 548 43.77 22.43 14.31
CA GLU B 548 42.76 23.06 15.15
C GLU B 548 41.42 23.24 14.40
N LEU B 549 41.49 23.89 13.25
CA LEU B 549 40.35 23.98 12.34
C LEU B 549 39.65 22.65 12.12
N ILE B 550 40.43 21.59 11.89
CA ILE B 550 39.86 20.29 11.57
C ILE B 550 39.07 19.70 12.74
N GLU B 551 39.42 20.09 13.96
CA GLU B 551 38.66 19.63 15.11
C GLU B 551 37.58 20.66 15.53
N LYS B 552 37.97 21.91 15.74
CA LYS B 552 37.06 22.96 16.20
C LYS B 552 35.99 23.40 15.17
N GLY B 553 36.22 23.07 13.90
CA GLY B 553 35.20 23.28 12.85
C GLY B 553 34.91 24.71 12.41
N SER B 554 35.86 25.62 12.67
CA SER B 554 35.82 27.01 12.24
C SER B 554 37.20 27.65 12.44
N LEU B 555 37.42 28.79 11.79
CA LEU B 555 38.67 29.53 11.87
C LEU B 555 38.53 30.57 12.97
N LYS B 556 37.29 30.77 13.39
CA LYS B 556 36.91 31.83 14.33
C LYS B 556 37.93 31.98 15.48
N ASP B 557 38.16 30.91 16.23
CA ASP B 557 38.91 31.03 17.47
C ASP B 557 40.30 30.44 17.43
N ILE B 558 40.88 30.54 16.22
CA ILE B 558 42.29 30.28 15.98
C ILE B 558 43.01 31.63 15.86
N PRO B 559 44.12 31.80 16.63
CA PRO B 559 44.79 33.10 16.53
C PRO B 559 45.94 33.05 15.54
N ASP B 560 46.49 34.22 15.22
CA ASP B 560 47.57 34.35 14.22
C ASP B 560 47.11 33.79 12.87
N VAL B 561 45.86 34.13 12.52
CA VAL B 561 45.31 34.06 11.14
C VAL B 561 44.49 35.33 10.97
N PRO B 562 44.68 36.07 9.85
CA PRO B 562 43.84 37.29 9.69
C PRO B 562 42.44 36.70 9.64
N GLU B 563 41.45 37.27 10.28
CA GLU B 563 41.01 38.66 10.18
C GLU B 563 40.36 38.83 8.81
N LYS B 564 41.08 39.21 7.77
CA LYS B 564 40.47 39.19 6.44
C LYS B 564 40.07 37.74 6.06
N ILE B 565 40.97 36.79 6.30
CA ILE B 565 40.68 35.41 6.04
C ILE B 565 39.52 34.88 6.91
N LYS B 566 39.57 35.17 8.22
CA LYS B 566 38.50 34.85 9.17
C LYS B 566 37.15 35.35 8.70
N LYS B 567 37.08 36.59 8.20
CA LYS B 567 35.80 37.23 7.83
C LYS B 567 35.17 36.54 6.62
N VAL B 568 36.02 36.20 5.65
CA VAL B 568 35.64 35.66 4.38
C VAL B 568 35.32 34.17 4.52
N PHE B 569 36.25 33.43 5.09
CA PHE B 569 36.16 31.98 5.14
C PHE B 569 35.28 31.47 6.28
N VAL B 570 34.05 31.98 6.33
CA VAL B 570 33.05 31.55 7.29
C VAL B 570 32.36 30.31 6.83
N VAL B 571 31.97 29.48 7.79
CA VAL B 571 31.20 28.29 7.53
C VAL B 571 29.81 28.43 8.08
N ALA B 572 29.02 27.38 7.83
CA ALA B 572 27.59 27.38 8.22
C ALA B 572 27.39 27.87 9.65
N LEU B 573 28.12 27.28 10.60
CA LEU B 573 27.90 27.62 12.00
C LEU B 573 28.46 28.93 12.39
N ASP B 574 29.33 29.51 11.57
CA ASP B 574 29.76 30.90 11.79
C ASP B 574 28.72 31.93 11.40
N ILE B 575 27.70 31.53 10.64
CA ILE B 575 26.77 32.45 10.06
C ILE B 575 25.54 32.32 10.94
N ASP B 576 25.01 33.43 11.49
CA ASP B 576 23.84 33.33 12.34
C ASP B 576 22.54 33.04 11.51
N PRO B 577 21.51 32.47 12.17
CA PRO B 577 20.28 32.08 11.48
C PRO B 577 19.64 33.14 10.64
N MET B 578 19.74 34.42 11.02
CA MET B 578 19.06 35.48 10.23
C MET B 578 19.80 35.74 8.95
N ASP B 579 21.12 35.62 8.99
CA ASP B 579 21.93 35.77 7.82
C ASP B 579 21.64 34.60 6.90
N HIS B 580 21.55 33.40 7.47
CA HIS B 580 20.97 32.27 6.72
C HIS B 580 19.64 32.55 5.97
N LEU B 581 18.69 33.11 6.69
CA LEU B 581 17.34 33.22 6.25
C LEU B 581 17.28 34.31 5.19
N LEU B 582 18.03 35.39 5.41
CA LEU B 582 17.99 36.52 4.50
C LEU B 582 18.71 36.23 3.19
N MET B 583 19.73 35.37 3.23
CA MET B 583 20.28 34.86 1.99
C MET B 583 19.24 34.07 1.23
N GLN B 584 18.45 33.24 1.92
CA GLN B 584 17.32 32.54 1.28
C GLN B 584 16.31 33.51 0.69
N ASP B 585 15.98 34.57 1.43
CA ASP B 585 15.14 35.64 0.88
C ASP B 585 15.74 36.22 -0.39
N ALA B 586 17.02 36.46 -0.37
CA ALA B 586 17.67 37.18 -1.45
C ALA B 586 17.58 36.41 -2.76
N PHE B 587 17.77 35.08 -2.71
CA PHE B 587 17.69 34.27 -3.87
C PHE B 587 16.20 34.06 -4.34
N GLN B 588 15.26 33.84 -3.40
CA GLN B 588 13.89 33.51 -3.70
C GLN B 588 13.14 34.65 -4.45
N ARG B 589 13.62 35.87 -4.29
CA ARG B 589 13.02 36.99 -5.03
C ARG B 589 13.18 36.81 -6.52
N TYR B 590 14.06 35.89 -6.92
CA TYR B 590 14.45 35.72 -8.32
C TYR B 590 14.41 34.27 -8.78
N VAL B 591 13.63 33.48 -8.10
CA VAL B 591 13.46 32.06 -8.42
C VAL B 591 11.96 31.83 -8.55
N ASP B 592 11.56 31.24 -9.67
CA ASP B 592 10.14 30.97 -9.85
C ASP B 592 9.63 29.75 -9.11
N ASN B 593 10.48 28.75 -8.91
CA ASN B 593 10.11 27.65 -8.00
C ASN B 593 10.49 28.00 -6.55
N ASN B 594 10.98 27.04 -5.76
CA ASN B 594 11.38 27.35 -4.36
C ASN B 594 12.84 27.09 -4.21
N ILE B 595 13.30 26.90 -2.99
CA ILE B 595 14.74 26.95 -2.77
C ILE B 595 15.03 25.99 -1.68
N SER B 596 16.07 25.19 -1.81
CA SER B 596 16.43 24.35 -0.64
C SER B 596 17.43 25.09 0.19
N LYS B 597 17.07 25.54 1.38
CA LYS B 597 18.04 26.19 2.35
C LYS B 597 17.80 25.65 3.75
N THR B 598 18.84 25.20 4.43
CA THR B 598 18.76 24.80 5.79
C THR B 598 19.02 26.02 6.68
N ILE B 599 18.15 26.36 7.63
CA ILE B 599 18.51 27.45 8.53
C ILE B 599 19.20 26.82 9.76
N ASN B 600 20.53 26.82 9.71
CA ASN B 600 21.39 26.24 10.73
C ASN B 600 21.32 27.08 12.04
N MET B 601 21.09 26.43 13.18
CA MET B 601 21.19 27.20 14.43
C MET B 601 22.24 26.65 15.38
N PRO B 602 22.85 27.52 16.18
CA PRO B 602 23.89 26.96 17.10
C PRO B 602 23.20 26.12 18.17
N GLN B 603 23.94 25.19 18.79
CA GLN B 603 23.33 24.33 19.85
C GLN B 603 22.58 25.06 20.95
N SER B 604 23.12 26.22 21.34
CA SER B 604 22.52 26.99 22.41
C SER B 604 21.33 27.81 21.98
N ALA B 605 20.82 27.64 20.75
CA ALA B 605 19.65 28.41 20.34
C ALA B 605 18.45 27.91 21.12
N THR B 606 17.39 28.70 21.16
CA THR B 606 16.21 28.34 21.94
C THR B 606 14.94 28.24 21.08
N VAL B 607 13.87 27.78 21.74
CA VAL B 607 12.64 27.54 21.03
C VAL B 607 12.14 28.90 20.57
N ASP B 608 12.45 29.92 21.36
CA ASP B 608 12.15 31.30 20.94
C ASP B 608 12.98 31.78 19.77
N ASP B 609 14.24 31.34 19.70
CA ASP B 609 15.05 31.67 18.52
C ASP B 609 14.39 31.07 17.26
N VAL B 610 13.85 29.86 17.36
CA VAL B 610 13.17 29.20 16.25
C VAL B 610 11.84 29.92 15.91
N LEU B 611 11.08 30.30 16.91
CA LEU B 611 9.86 31.05 16.59
C LEU B 611 10.29 32.31 15.87
N ASN B 612 11.43 32.84 16.29
CA ASN B 612 11.85 34.13 15.74
C ASN B 612 12.19 34.05 14.30
N VAL B 613 12.87 32.95 13.90
CA VAL B 613 13.07 32.56 12.50
C VAL B 613 11.73 32.49 11.68
N TYR B 614 10.70 31.90 12.27
CA TYR B 614 9.50 31.66 11.59
C TYR B 614 8.79 32.97 11.31
N LEU B 615 8.71 33.79 12.36
CA LEU B 615 8.19 35.11 12.24
C LEU B 615 8.92 35.90 11.15
N GLU B 616 10.24 35.89 11.20
CA GLU B 616 10.95 36.53 10.13
C GLU B 616 10.65 35.89 8.78
N ALA B 617 10.41 34.58 8.74
CA ALA B 617 10.26 33.84 7.50
C ALA B 617 9.04 34.39 6.79
N LEU B 618 8.04 34.71 7.63
CA LEU B 618 6.72 35.11 7.22
C LEU B 618 6.70 36.52 6.60
N ARG B 619 7.57 37.39 7.12
CA ARG B 619 7.81 38.72 6.54
C ARG B 619 8.64 38.72 5.25
N THR B 620 9.66 37.87 5.17
CA THR B 620 10.47 37.77 3.93
C THR B 620 9.73 37.09 2.77
N ASN B 621 10.43 36.89 1.67
CA ASN B 621 9.78 36.24 0.52
C ASN B 621 10.04 34.70 0.41
N VAL B 622 10.57 34.11 1.47
CA VAL B 622 10.84 32.68 1.45
C VAL B 622 9.54 31.87 1.21
N ARG B 623 9.67 30.71 0.57
CA ARG B 623 8.51 29.91 0.17
C ARG B 623 8.38 28.64 1.07
N GLY B 624 9.38 28.44 1.95
CA GLY B 624 9.34 27.34 2.91
C GLY B 624 10.43 27.48 3.91
N ILE B 625 10.44 26.66 4.95
CA ILE B 625 11.52 26.78 5.93
C ILE B 625 11.96 25.41 6.45
N THR B 626 13.28 25.28 6.57
CA THR B 626 13.89 24.13 7.17
C THR B 626 14.88 24.60 8.21
N VAL B 627 14.72 24.12 9.43
CA VAL B 627 15.67 24.48 10.44
C VAL B 627 16.41 23.25 10.95
N TYR B 628 17.70 23.39 11.22
CA TYR B 628 18.40 22.33 11.88
C TYR B 628 19.30 22.96 12.92
N ARG B 629 19.05 22.66 14.18
CA ARG B 629 19.90 23.12 15.27
C ARG B 629 21.08 22.20 15.45
N ASP B 630 22.29 22.74 15.35
CA ASP B 630 23.52 21.96 15.61
C ASP B 630 23.42 21.20 16.95
N GLY B 631 23.67 19.89 16.95
CA GLY B 631 23.47 19.09 18.17
C GLY B 631 22.15 18.34 18.31
N SER B 632 21.23 18.51 17.36
CA SER B 632 19.86 17.98 17.44
C SER B 632 19.65 16.47 17.43
N LEU B 633 20.05 15.80 16.35
CA LEU B 633 19.61 14.40 16.11
C LEU B 633 20.62 13.35 16.64
#